data_2GJ8
#
_entry.id   2GJ8
#
_cell.length_a   57.540
_cell.length_b   70.227
_cell.length_c   91.300
_cell.angle_alpha   90.00
_cell.angle_beta   95.51
_cell.angle_gamma   90.00
#
_symmetry.space_group_name_H-M   'P 1 21 1'
#
loop_
_entity.id
_entity.type
_entity.pdbx_description
1 polymer 'tRNA modification GTPase trmE'
2 non-polymer 'TETRAFLUOROALUMINATE ION'
3 non-polymer 'MAGNESIUM ION'
4 non-polymer 'POTASSIUM ION'
5 non-polymer 'SELENIUM ATOM'
6 non-polymer "GUANOSINE-5'-DIPHOSPHATE"
7 water water
#
_entity_poly.entity_id   1
_entity_poly.type   'polypeptide(L)'
_entity_poly.pdbx_seq_one_letter_code
;GSHG(MSE)KVVIAGRPNAGKSSLLNALAGREAAIVTDIAGTTRDVLREHIHIDG(MSE)PLHIIDTAGLREASDEVERI
GIERAWQEIEQADRVLF(MSE)VDGTTTDAVDPAEIWPEFIARLPAKLPITVVRNKADITGETLG(MSE)SEVNGHALIR
LSARTGEGVDVLRNHLKQS(MSE)GFDTN(MSE)EG
;
_entity_poly.pdbx_strand_id   A,B,C,D
#
loop_
_chem_comp.id
_chem_comp.type
_chem_comp.name
_chem_comp.formula
ALF non-polymer 'TETRAFLUOROALUMINATE ION' 'Al F4 -1'
GDP RNA linking GUANOSINE-5'-DIPHOSPHATE 'C10 H15 N5 O11 P2'
K non-polymer 'POTASSIUM ION' 'K 1'
MG non-polymer 'MAGNESIUM ION' 'Mg 2'
SE non-polymer 'SELENIUM ATOM' Se
#
# COMPACT_ATOMS: atom_id res chain seq x y z
N GLY A 4 -20.18 -12.25 -25.98
CA GLY A 4 -19.14 -11.93 -27.00
C GLY A 4 -17.91 -12.82 -26.85
N MSE A 5 -16.93 -12.62 -27.71
CA MSE A 5 -15.67 -13.34 -27.61
C MSE A 5 -15.05 -13.16 -26.23
O MSE A 5 -15.25 -12.13 -25.58
CB MSE A 5 -14.72 -12.94 -28.72
CG MSE A 5 -15.14 -13.54 -30.05
SE MSE A 5 -14.06 -12.87 -31.48
CE MSE A 5 -14.75 -11.08 -31.60
N LYS A 6 -14.30 -14.18 -25.78
CA LYS A 6 -13.77 -14.21 -24.43
C LYS A 6 -12.35 -13.65 -24.42
N VAL A 7 -12.17 -12.56 -23.67
CA VAL A 7 -10.84 -11.95 -23.48
C VAL A 7 -10.45 -12.18 -22.04
N VAL A 8 -9.40 -12.96 -21.81
CA VAL A 8 -9.00 -13.36 -20.45
C VAL A 8 -7.79 -12.55 -19.97
N ILE A 9 -7.93 -11.89 -18.81
CA ILE A 9 -6.83 -11.06 -18.27
C ILE A 9 -6.02 -11.96 -17.31
N ALA A 10 -4.76 -12.23 -17.65
CA ALA A 10 -3.93 -13.16 -16.86
C ALA A 10 -2.54 -12.62 -16.58
N GLY A 11 -1.91 -13.10 -15.50
CA GLY A 11 -0.55 -12.62 -15.13
C GLY A 11 -0.23 -12.84 -13.66
N ARG A 12 0.91 -12.31 -13.21
CA ARG A 12 1.32 -12.42 -11.79
C ARG A 12 0.37 -11.65 -10.86
N PRO A 13 0.38 -12.00 -9.57
CA PRO A 13 -0.46 -11.25 -8.61
C PRO A 13 -0.01 -9.78 -8.56
N ASN A 14 -0.97 -8.91 -8.24
CA ASN A 14 -0.75 -7.46 -8.11
C ASN A 14 -0.31 -6.72 -9.36
N ALA A 15 -0.43 -7.34 -10.53
CA ALA A 15 -0.06 -6.68 -11.82
C ALA A 15 -1.04 -5.57 -12.16
N GLY A 16 -2.25 -5.65 -11.58
CA GLY A 16 -3.32 -4.70 -11.88
C GLY A 16 -4.45 -5.27 -12.77
N LYS A 17 -4.66 -6.58 -12.73
CA LYS A 17 -5.64 -7.23 -13.60
C LYS A 17 -7.08 -6.76 -13.31
N SER A 18 -7.41 -6.73 -12.02
CA SER A 18 -8.73 -6.32 -11.61
C SER A 18 -8.94 -4.83 -11.89
N SER A 19 -7.88 -4.05 -11.68
CA SER A 19 -7.91 -2.63 -11.99
C SER A 19 -8.26 -2.45 -13.48
N LEU A 20 -7.72 -3.30 -14.35
CA LEU A 20 -8.06 -3.20 -15.79
C LEU A 20 -9.49 -3.66 -16.09
N LEU A 21 -9.93 -4.72 -15.43
CA LEU A 21 -11.30 -5.19 -15.59
C LEU A 21 -12.28 -4.04 -15.31
N ASN A 22 -12.08 -3.38 -14.17
CA ASN A 22 -12.92 -2.27 -13.72
C ASN A 22 -12.84 -1.08 -14.67
N ALA A 23 -11.64 -0.82 -15.20
CA ALA A 23 -11.51 0.25 -16.18
C ALA A 23 -12.27 -0.09 -17.47
N LEU A 24 -12.20 -1.35 -17.92
CA LEU A 24 -12.92 -1.77 -19.13
C LEU A 24 -14.44 -1.77 -18.95
N ALA A 25 -14.87 -2.23 -17.78
CA ALA A 25 -16.30 -2.42 -17.48
C ALA A 25 -16.98 -1.09 -17.13
N GLY A 26 -16.19 -0.09 -16.73
CA GLY A 26 -16.72 1.21 -16.32
C GLY A 26 -17.47 1.15 -15.00
N ARG A 27 -17.16 0.14 -14.19
CA ARG A 27 -17.69 0.00 -12.83
C ARG A 27 -16.75 -0.82 -11.97
N GLU A 28 -16.96 -0.74 -10.66
CA GLU A 28 -16.10 -1.40 -9.68
C GLU A 28 -16.48 -2.87 -9.48
N ALA A 29 -16.37 -3.64 -10.56
CA ALA A 29 -16.82 -5.04 -10.60
C ALA A 29 -15.97 -5.96 -9.70
N ALA A 30 -14.66 -5.78 -9.76
CA ALA A 30 -13.75 -6.58 -8.95
C ALA A 30 -13.17 -5.76 -7.79
N ILE A 31 -12.96 -6.43 -6.66
CA ILE A 31 -12.22 -5.83 -5.58
C ILE A 31 -10.76 -5.66 -5.99
N VAL A 32 -10.26 -4.47 -5.72
CA VAL A 32 -8.85 -4.09 -5.92
C VAL A 32 -8.21 -3.71 -4.56
N THR A 33 -7.11 -4.37 -4.20
CA THR A 33 -6.36 -3.92 -3.03
C THR A 33 -4.88 -4.15 -3.29
N ASP A 34 -4.03 -3.62 -2.40
CA ASP A 34 -2.58 -3.82 -2.47
C ASP A 34 -2.09 -5.24 -2.05
N ILE A 35 -3.04 -6.07 -1.61
CA ILE A 35 -2.80 -7.45 -1.19
C ILE A 35 -2.80 -8.46 -2.37
N ALA A 36 -1.68 -9.19 -2.49
CA ALA A 36 -1.61 -10.25 -3.50
C ALA A 36 -2.65 -11.34 -3.16
N GLY A 37 -3.36 -11.84 -4.17
CA GLY A 37 -4.33 -12.90 -3.95
C GLY A 37 -5.67 -12.36 -3.47
N THR A 38 -5.97 -11.11 -3.86
CA THR A 38 -7.31 -10.53 -3.69
C THR A 38 -8.34 -11.28 -4.56
N THR A 39 -8.11 -11.37 -5.86
CA THR A 39 -9.04 -12.15 -6.68
C THR A 39 -8.68 -13.62 -6.60
N ARG A 40 -9.70 -14.48 -6.42
CA ARG A 40 -9.54 -15.95 -6.50
C ARG A 40 -10.61 -16.52 -7.44
N ASP A 41 -11.89 -16.28 -7.14
CA ASP A 41 -12.95 -16.52 -8.12
C ASP A 41 -12.75 -15.79 -9.46
N VAL A 42 -13.12 -16.48 -10.53
CA VAL A 42 -13.18 -15.89 -11.86
C VAL A 42 -14.32 -14.88 -11.94
N LEU A 43 -14.01 -13.71 -12.47
CA LEU A 43 -15.00 -12.64 -12.61
C LEU A 43 -15.25 -12.35 -14.07
N ARG A 44 -16.50 -12.21 -14.45
CA ARG A 44 -16.84 -12.00 -15.86
C ARG A 44 -17.68 -10.75 -16.03
N GLU A 45 -17.24 -9.90 -16.94
CA GLU A 45 -17.96 -8.68 -17.27
C GLU A 45 -18.21 -8.61 -18.78
N HIS A 46 -19.49 -8.53 -19.13
CA HIS A 46 -19.88 -8.34 -20.51
C HIS A 46 -19.86 -6.85 -20.82
N ILE A 47 -19.21 -6.50 -21.93
CA ILE A 47 -19.08 -5.11 -22.37
C ILE A 47 -19.32 -5.00 -23.88
N HIS A 48 -19.34 -3.76 -24.36
CA HIS A 48 -19.37 -3.48 -25.79
C HIS A 48 -18.33 -2.44 -26.13
N ILE A 49 -17.60 -2.68 -27.20
CA ILE A 49 -16.69 -1.69 -27.76
C ILE A 49 -17.16 -1.40 -29.17
N ASP A 50 -17.62 -0.16 -29.39
CA ASP A 50 -18.22 0.23 -30.66
C ASP A 50 -19.15 -0.86 -31.18
N GLY A 51 -20.14 -1.24 -30.37
CA GLY A 51 -21.09 -2.29 -30.74
C GLY A 51 -20.53 -3.69 -30.99
N MSE A 52 -19.24 -3.91 -30.72
CA MSE A 52 -18.74 -5.28 -30.67
C MSE A 52 -18.89 -5.74 -29.24
O MSE A 52 -18.36 -5.08 -28.33
CB MSE A 52 -17.27 -5.37 -31.10
CG MSE A 52 -16.66 -6.76 -30.97
SE MSE A 52 -14.70 -6.87 -31.12
CE MSE A 52 -14.20 -5.70 -29.60
N PRO A 53 -19.63 -6.84 -29.00
CA PRO A 53 -19.72 -7.32 -27.62
C PRO A 53 -18.50 -8.17 -27.28
N LEU A 54 -18.12 -8.16 -26.01
CA LEU A 54 -17.00 -8.96 -25.53
C LEU A 54 -17.28 -9.39 -24.12
N HIS A 55 -16.77 -10.56 -23.77
CA HIS A 55 -16.78 -11.04 -22.40
C HIS A 55 -15.38 -10.87 -21.82
N ILE A 56 -15.23 -9.94 -20.87
CA ILE A 56 -13.92 -9.71 -20.24
C ILE A 56 -13.82 -10.55 -18.99
N ILE A 57 -12.74 -11.33 -18.86
CA ILE A 57 -12.62 -12.31 -17.78
C ILE A 57 -11.39 -12.06 -16.89
N ASP A 58 -11.65 -11.82 -15.61
CA ASP A 58 -10.58 -11.49 -14.63
C ASP A 58 -10.27 -12.74 -13.82
N THR A 59 -9.01 -12.95 -13.49
CA THR A 59 -8.56 -14.22 -12.89
C THR A 59 -7.56 -14.02 -11.74
N ALA A 60 -7.38 -15.06 -10.91
CA ALA A 60 -6.41 -15.00 -9.83
C ALA A 60 -4.99 -14.89 -10.40
N GLY A 61 -4.19 -13.96 -9.87
CA GLY A 61 -2.73 -13.87 -10.18
C GLY A 61 -2.05 -15.20 -9.99
N LEU A 62 -1.18 -15.53 -10.95
CA LEU A 62 -0.52 -16.83 -10.97
C LEU A 62 0.75 -16.83 -10.12
N ARG A 63 0.76 -17.67 -9.06
CA ARG A 63 1.94 -17.90 -8.22
C ARG A 63 1.79 -19.27 -7.56
N GLU A 64 2.83 -19.69 -6.84
CA GLU A 64 2.73 -20.86 -5.97
C GLU A 64 2.13 -20.36 -4.67
N ALA A 65 0.82 -20.44 -4.56
CA ALA A 65 0.11 -19.91 -3.40
C ALA A 65 -0.01 -20.95 -2.29
N SER A 66 0.07 -20.46 -1.06
CA SER A 66 -0.11 -21.27 0.14
C SER A 66 -1.58 -21.38 0.51
N ASP A 67 -2.38 -20.36 0.16
CA ASP A 67 -3.78 -20.31 0.55
C ASP A 67 -4.61 -21.25 -0.32
N GLU A 68 -5.39 -22.12 0.32
CA GLU A 68 -6.15 -23.14 -0.41
C GLU A 68 -7.13 -22.62 -1.45
N VAL A 69 -7.86 -21.54 -1.12
CA VAL A 69 -8.81 -20.99 -2.06
C VAL A 69 -8.07 -20.29 -3.20
N GLU A 70 -6.96 -19.66 -2.89
CA GLU A 70 -6.18 -18.99 -3.94
C GLU A 70 -5.60 -20.05 -4.91
N ARG A 71 -5.17 -21.18 -4.37
CA ARG A 71 -4.68 -22.29 -5.21
C ARG A 71 -5.73 -22.77 -6.18
N ILE A 72 -6.97 -22.92 -5.72
CA ILE A 72 -8.09 -23.28 -6.59
C ILE A 72 -8.37 -22.19 -7.64
N GLY A 73 -8.33 -20.92 -7.23
CA GLY A 73 -8.56 -19.80 -8.14
C GLY A 73 -7.52 -19.86 -9.27
N ILE A 74 -6.28 -20.18 -8.91
CA ILE A 74 -5.17 -20.30 -9.90
C ILE A 74 -5.40 -21.43 -10.91
N GLU A 75 -5.84 -22.60 -10.44
CA GLU A 75 -6.35 -23.64 -11.34
C GLU A 75 -7.45 -23.14 -12.27
N ARG A 76 -8.43 -22.43 -11.72
CA ARG A 76 -9.51 -21.90 -12.55
C ARG A 76 -9.01 -20.89 -13.58
N ALA A 77 -7.98 -20.14 -13.20
CA ALA A 77 -7.40 -19.15 -14.08
C ALA A 77 -6.87 -19.84 -15.35
N TRP A 78 -6.13 -20.93 -15.16
CA TRP A 78 -5.60 -21.72 -16.31
C TRP A 78 -6.69 -22.35 -17.18
N GLN A 79 -7.78 -22.77 -16.55
CA GLN A 79 -8.97 -23.20 -17.29
C GLN A 79 -9.60 -22.10 -18.16
N GLU A 80 -9.64 -20.85 -17.67
CA GLU A 80 -10.15 -19.75 -18.46
C GLU A 80 -9.26 -19.48 -19.67
N ILE A 81 -7.96 -19.49 -19.40
CA ILE A 81 -6.92 -19.28 -20.42
C ILE A 81 -7.06 -20.30 -21.55
N GLU A 82 -7.14 -21.58 -21.17
CA GLU A 82 -7.33 -22.67 -22.13
C GLU A 82 -8.48 -22.43 -23.11
N GLN A 83 -9.53 -21.75 -22.62
CA GLN A 83 -10.75 -21.47 -23.40
C GLN A 83 -10.94 -20.06 -23.96
N ALA A 84 -9.94 -19.20 -23.80
CA ALA A 84 -10.00 -17.83 -24.32
C ALA A 84 -9.96 -17.70 -25.84
N ASP A 85 -10.53 -16.62 -26.32
CA ASP A 85 -10.30 -16.15 -27.69
C ASP A 85 -9.09 -15.25 -27.80
N ARG A 86 -8.81 -14.50 -26.75
CA ARG A 86 -7.54 -13.78 -26.63
C ARG A 86 -7.13 -13.73 -25.16
N VAL A 87 -5.83 -13.69 -24.90
CA VAL A 87 -5.32 -13.46 -23.54
C VAL A 87 -4.59 -12.11 -23.51
N LEU A 88 -4.92 -11.28 -22.51
CA LEU A 88 -4.16 -10.08 -22.20
C LEU A 88 -3.19 -10.50 -21.09
N PHE A 89 -1.91 -10.58 -21.46
CA PHE A 89 -0.84 -10.92 -20.50
C PHE A 89 -0.39 -9.64 -19.78
N MSE A 90 -0.88 -9.49 -18.56
CA MSE A 90 -0.67 -8.30 -17.76
C MSE A 90 0.65 -8.38 -17.01
O MSE A 90 0.89 -9.29 -16.22
CB MSE A 90 -1.83 -8.11 -16.76
CG MSE A 90 -1.84 -6.73 -16.11
SE MSE A 90 -2.52 -5.50 -17.45
CE MSE A 90 -3.44 -4.26 -16.14
N VAL A 91 1.51 -7.40 -17.27
CA VAL A 91 2.83 -7.32 -16.67
C VAL A 91 2.96 -6.03 -15.89
N ASP A 92 3.44 -6.13 -14.63
CA ASP A 92 3.66 -4.91 -13.82
C ASP A 92 4.98 -4.28 -14.27
N GLY A 93 4.90 -3.14 -14.97
CA GLY A 93 6.11 -2.48 -15.54
C GLY A 93 7.12 -2.03 -14.51
N THR A 94 6.68 -1.84 -13.26
CA THR A 94 7.58 -1.42 -12.17
C THR A 94 8.48 -2.56 -11.71
N THR A 95 8.13 -3.82 -12.03
CA THR A 95 8.89 -4.99 -11.57
C THR A 95 9.88 -5.54 -12.58
N THR A 96 9.75 -5.14 -13.84
CA THR A 96 10.71 -5.57 -14.85
C THR A 96 10.81 -4.62 -16.03
N ASP A 97 12.01 -4.49 -16.58
CA ASP A 97 12.19 -3.71 -17.79
C ASP A 97 12.17 -4.58 -19.05
N ALA A 98 12.20 -5.90 -18.86
CA ALA A 98 12.06 -6.83 -19.99
C ALA A 98 10.72 -6.60 -20.65
N VAL A 99 10.69 -6.61 -21.98
CA VAL A 99 9.44 -6.42 -22.74
C VAL A 99 8.96 -7.69 -23.47
N ASP A 100 9.90 -8.54 -23.90
CA ASP A 100 9.57 -9.79 -24.59
C ASP A 100 9.07 -10.77 -23.55
N PRO A 101 7.82 -11.29 -23.70
CA PRO A 101 7.29 -12.26 -22.74
C PRO A 101 8.17 -13.51 -22.58
N ALA A 102 8.96 -13.86 -23.59
CA ALA A 102 9.86 -15.00 -23.49
C ALA A 102 10.93 -14.79 -22.42
N GLU A 103 11.35 -13.54 -22.22
CA GLU A 103 12.25 -13.15 -21.13
C GLU A 103 11.51 -12.97 -19.79
N ILE A 104 10.26 -12.54 -19.85
CA ILE A 104 9.48 -12.26 -18.63
C ILE A 104 9.02 -13.54 -17.94
N TRP A 105 8.41 -14.45 -18.71
CA TRP A 105 7.86 -15.69 -18.16
C TRP A 105 7.63 -16.74 -19.27
N PRO A 106 8.71 -17.39 -19.71
CA PRO A 106 8.56 -18.29 -20.85
C PRO A 106 7.56 -19.42 -20.62
N GLU A 107 7.48 -19.93 -19.37
CA GLU A 107 6.61 -21.04 -19.06
C GLU A 107 5.15 -20.68 -19.31
N PHE A 108 4.76 -19.46 -18.91
CA PHE A 108 3.40 -18.91 -19.22
C PHE A 108 3.10 -18.95 -20.72
N ILE A 109 3.98 -18.33 -21.51
CA ILE A 109 3.81 -18.28 -22.97
C ILE A 109 3.77 -19.68 -23.59
N ALA A 110 4.73 -20.54 -23.23
CA ALA A 110 4.80 -21.89 -23.83
C ALA A 110 3.54 -22.73 -23.52
N ARG A 111 2.90 -22.48 -22.38
CA ARG A 111 1.77 -23.32 -21.91
C ARG A 111 0.46 -23.02 -22.64
N LEU A 112 0.38 -21.82 -23.23
CA LEU A 112 -0.81 -21.36 -23.93
C LEU A 112 -1.15 -22.28 -25.10
N PRO A 113 -2.45 -22.47 -25.36
CA PRO A 113 -2.89 -23.23 -26.51
C PRO A 113 -2.28 -22.68 -27.79
N ALA A 114 -1.96 -23.58 -28.71
CA ALA A 114 -1.31 -23.22 -29.96
C ALA A 114 -1.90 -21.99 -30.66
N LYS A 115 -3.19 -21.96 -30.96
CA LYS A 115 -3.56 -20.84 -31.85
C LYS A 115 -3.73 -19.47 -31.15
N LEU A 116 -3.68 -19.47 -29.82
CA LEU A 116 -4.26 -18.37 -29.01
C LEU A 116 -3.47 -17.06 -29.10
N PRO A 117 -4.11 -16.01 -29.64
CA PRO A 117 -3.43 -14.72 -29.70
C PRO A 117 -3.22 -14.13 -28.30
N ILE A 118 -2.08 -13.47 -28.13
CA ILE A 118 -1.80 -12.79 -26.87
C ILE A 118 -1.50 -11.30 -27.10
N THR A 119 -2.03 -10.45 -26.24
CA THR A 119 -1.61 -9.07 -26.23
C THR A 119 -0.83 -8.86 -24.94
N VAL A 120 0.41 -8.41 -25.05
CA VAL A 120 1.20 -8.11 -23.86
C VAL A 120 0.84 -6.71 -23.34
N VAL A 121 0.41 -6.61 -22.09
CA VAL A 121 0.04 -5.32 -21.54
C VAL A 121 0.99 -4.92 -20.42
N ARG A 122 1.75 -3.88 -20.66
CA ARG A 122 2.67 -3.34 -19.64
C ARG A 122 1.94 -2.27 -18.83
N ASN A 123 1.44 -2.71 -17.66
CA ASN A 123 0.72 -1.81 -16.76
C ASN A 123 1.61 -0.93 -15.85
N LYS A 124 0.98 0.07 -15.23
CA LYS A 124 1.61 1.02 -14.29
C LYS A 124 2.56 1.99 -15.01
N ALA A 125 2.23 2.35 -16.24
CA ALA A 125 2.97 3.38 -17.00
C ALA A 125 2.98 4.73 -16.31
N ASP A 126 1.99 4.98 -15.44
CA ASP A 126 1.94 6.23 -14.68
C ASP A 126 3.13 6.33 -13.73
N ILE A 127 3.64 5.17 -13.31
CA ILE A 127 4.76 5.07 -12.38
C ILE A 127 6.10 5.02 -13.11
N THR A 128 6.18 4.17 -14.13
CA THR A 128 7.45 3.93 -14.85
C THR A 128 7.82 5.08 -15.78
N GLY A 129 6.82 5.87 -16.16
CA GLY A 129 6.95 6.92 -17.16
C GLY A 129 7.11 6.42 -18.59
N GLU A 130 6.91 5.11 -18.81
CA GLU A 130 6.88 4.53 -20.18
C GLU A 130 5.90 5.27 -21.10
N THR A 131 6.28 5.49 -22.37
CA THR A 131 5.35 6.14 -23.31
C THR A 131 4.15 5.26 -23.61
N LEU A 132 2.97 5.85 -23.53
CA LEU A 132 1.72 5.12 -23.72
C LEU A 132 1.53 4.77 -25.18
N GLY A 133 0.94 3.61 -25.42
CA GLY A 133 0.45 3.26 -26.76
C GLY A 133 0.81 1.86 -27.22
N MSE A 134 0.83 1.69 -28.53
CA MSE A 134 0.92 0.37 -29.09
C MSE A 134 2.27 0.15 -29.77
O MSE A 134 2.85 1.08 -30.34
CB MSE A 134 -0.34 0.11 -29.96
CG MSE A 134 -1.38 -0.91 -29.23
SE MSE A 134 -0.57 -2.61 -30.00
CE MSE A 134 -1.65 -2.52 -31.66
N SER A 135 2.82 -1.06 -29.61
CA SER A 135 4.02 -1.52 -30.29
C SER A 135 3.89 -3.02 -30.50
N GLU A 136 5.02 -3.68 -30.72
CA GLU A 136 5.06 -5.08 -31.06
C GLU A 136 6.35 -5.62 -30.48
N VAL A 137 6.30 -6.83 -29.96
CA VAL A 137 7.51 -7.52 -29.54
C VAL A 137 7.43 -8.99 -29.97
N ASN A 138 8.39 -9.39 -30.79
CA ASN A 138 8.42 -10.74 -31.34
C ASN A 138 7.08 -11.18 -31.95
N GLY A 139 6.40 -10.27 -32.65
CA GLY A 139 5.15 -10.66 -33.30
C GLY A 139 3.90 -10.44 -32.45
N HIS A 140 4.08 -10.23 -31.15
CA HIS A 140 2.95 -10.00 -30.21
C HIS A 140 2.63 -8.52 -30.10
N ALA A 141 1.34 -8.15 -30.13
CA ALA A 141 0.94 -6.80 -29.78
C ALA A 141 1.40 -6.48 -28.36
N LEU A 142 1.89 -5.26 -28.18
CA LEU A 142 2.40 -4.78 -26.88
C LEU A 142 1.83 -3.40 -26.62
N ILE A 143 1.09 -3.25 -25.52
CA ILE A 143 0.44 -1.98 -25.20
C ILE A 143 0.94 -1.53 -23.81
N ARG A 144 1.26 -0.24 -23.71
CA ARG A 144 1.67 0.37 -22.45
C ARG A 144 0.54 1.27 -22.00
N LEU A 145 0.09 1.09 -20.75
CA LEU A 145 -1.05 1.84 -20.25
C LEU A 145 -1.01 1.92 -18.72
N SER A 146 -1.98 2.61 -18.14
CA SER A 146 -2.20 2.60 -16.68
C SER A 146 -3.66 2.29 -16.39
N ALA A 147 -3.91 1.13 -15.78
CA ALA A 147 -5.29 0.76 -15.42
C ALA A 147 -5.87 1.74 -14.42
N ARG A 148 -5.01 2.21 -13.52
CA ARG A 148 -5.43 3.12 -12.42
C ARG A 148 -5.83 4.52 -12.89
N THR A 149 -5.10 5.09 -13.84
CA THR A 149 -5.44 6.46 -14.33
C THR A 149 -6.32 6.43 -15.55
N GLY A 150 -6.41 5.26 -16.20
CA GLY A 150 -7.12 5.08 -17.45
C GLY A 150 -6.32 5.47 -18.71
N GLU A 151 -5.14 6.06 -18.53
CA GLU A 151 -4.32 6.45 -19.68
C GLU A 151 -3.93 5.20 -20.47
N GLY A 152 -4.15 5.26 -21.79
CA GLY A 152 -3.77 4.16 -22.67
C GLY A 152 -4.83 3.09 -22.79
N VAL A 153 -5.88 3.15 -21.95
CA VAL A 153 -6.96 2.16 -22.02
C VAL A 153 -7.76 2.24 -23.32
N ASP A 154 -7.90 3.45 -23.88
CA ASP A 154 -8.61 3.64 -25.17
C ASP A 154 -7.85 2.95 -26.30
N VAL A 155 -6.52 2.99 -26.22
CA VAL A 155 -5.66 2.27 -27.16
C VAL A 155 -5.98 0.77 -27.08
N LEU A 156 -6.10 0.24 -25.86
CA LEU A 156 -6.53 -1.14 -25.70
C LEU A 156 -7.91 -1.43 -26.30
N ARG A 157 -8.91 -0.61 -25.99
CA ARG A 157 -10.25 -0.81 -26.55
C ARG A 157 -10.23 -0.85 -28.09
N ASN A 158 -9.50 0.09 -28.69
CA ASN A 158 -9.37 0.20 -30.15
C ASN A 158 -8.70 -1.04 -30.77
N HIS A 159 -7.63 -1.51 -30.12
CA HIS A 159 -6.94 -2.74 -30.48
C HIS A 159 -7.85 -3.96 -30.42
N LEU A 160 -8.64 -4.07 -29.35
CA LEU A 160 -9.56 -5.18 -29.22
C LEU A 160 -10.55 -5.17 -30.39
N LYS A 161 -11.12 -4.00 -30.68
CA LYS A 161 -12.04 -3.83 -31.81
C LYS A 161 -11.38 -4.18 -33.15
N GLN A 162 -10.19 -3.65 -33.39
CA GLN A 162 -9.51 -3.86 -34.65
C GLN A 162 -9.06 -5.31 -34.85
N SER A 163 -8.56 -5.93 -33.78
CA SER A 163 -7.98 -7.26 -33.88
C SER A 163 -9.02 -8.39 -33.85
N MSE A 164 -10.19 -8.15 -33.26
CA MSE A 164 -11.15 -9.24 -33.04
C MSE A 164 -12.51 -9.14 -33.75
O MSE A 164 -13.07 -8.06 -33.94
CB MSE A 164 -11.37 -9.46 -31.54
CG MSE A 164 -10.09 -9.70 -30.75
SE MSE A 164 -10.49 -9.85 -28.85
CE MSE A 164 -11.53 -8.33 -28.71
N MSE B 5 -34.17 -8.01 -13.19
CA MSE B 5 -34.47 -8.23 -11.74
C MSE B 5 -33.43 -9.09 -11.04
O MSE B 5 -32.95 -10.05 -11.61
CB MSE B 5 -35.83 -8.88 -11.55
CG MSE B 5 -37.01 -7.95 -11.70
SE MSE B 5 -38.57 -8.82 -10.94
CE MSE B 5 -38.45 -10.57 -11.88
N LYS B 6 -33.16 -8.76 -9.78
CA LYS B 6 -32.00 -9.30 -9.08
C LYS B 6 -32.38 -10.03 -7.81
N VAL B 7 -31.93 -11.27 -7.71
CA VAL B 7 -32.06 -12.08 -6.51
C VAL B 7 -30.69 -12.31 -5.84
N VAL B 8 -30.56 -11.80 -4.61
CA VAL B 8 -29.31 -11.90 -3.86
C VAL B 8 -29.32 -13.04 -2.84
N ILE B 9 -28.27 -13.83 -2.85
CA ILE B 9 -28.12 -14.92 -1.88
C ILE B 9 -27.24 -14.39 -0.75
N ALA B 10 -27.77 -14.37 0.49
CA ALA B 10 -27.02 -13.74 1.61
C ALA B 10 -27.24 -14.47 2.90
N GLY B 11 -26.25 -14.40 3.78
CA GLY B 11 -26.30 -15.17 5.01
C GLY B 11 -24.95 -15.26 5.65
N ARG B 12 -24.85 -16.05 6.72
CA ARG B 12 -23.60 -16.30 7.41
C ARG B 12 -22.59 -17.09 6.51
N PRO B 13 -21.29 -17.01 6.84
CA PRO B 13 -20.28 -17.81 6.12
C PRO B 13 -20.63 -19.30 6.19
N ASN B 14 -20.31 -20.02 5.12
CA ASN B 14 -20.54 -21.48 5.03
C ASN B 14 -22.00 -21.96 5.06
N ALA B 15 -22.96 -21.06 4.93
CA ALA B 15 -24.40 -21.47 4.81
C ALA B 15 -24.68 -22.31 3.54
N GLY B 16 -23.87 -22.09 2.50
CA GLY B 16 -23.95 -22.81 1.23
C GLY B 16 -24.39 -21.95 0.09
N LYS B 17 -24.11 -20.65 0.17
CA LYS B 17 -24.59 -19.70 -0.81
C LYS B 17 -24.03 -19.99 -2.22
N SER B 18 -22.74 -20.22 -2.29
CA SER B 18 -22.04 -20.51 -3.55
C SER B 18 -22.48 -21.84 -4.13
N SER B 19 -22.69 -22.81 -3.25
CA SER B 19 -23.26 -24.12 -3.65
C SER B 19 -24.63 -23.90 -4.31
N LEU B 20 -25.48 -23.05 -3.71
CA LEU B 20 -26.76 -22.69 -4.31
C LEU B 20 -26.64 -21.96 -5.65
N LEU B 21 -25.81 -20.92 -5.73
CA LEU B 21 -25.56 -20.21 -6.99
C LEU B 21 -25.28 -21.18 -8.16
N ASN B 22 -24.36 -22.09 -7.93
CA ASN B 22 -23.91 -23.06 -8.92
C ASN B 22 -25.06 -24.00 -9.33
N ALA B 23 -25.85 -24.43 -8.34
CA ALA B 23 -27.05 -25.23 -8.63
C ALA B 23 -28.03 -24.47 -9.53
N LEU B 24 -28.20 -23.17 -9.25
CA LEU B 24 -29.17 -22.39 -10.00
C LEU B 24 -28.64 -22.05 -11.37
N ALA B 25 -27.34 -21.84 -11.47
CA ALA B 25 -26.74 -21.42 -12.74
C ALA B 25 -26.41 -22.63 -13.62
N GLY B 26 -26.36 -23.82 -13.02
CA GLY B 26 -25.97 -25.03 -13.74
C GLY B 26 -24.55 -24.99 -14.27
N ARG B 27 -23.68 -24.27 -13.57
CA ARG B 27 -22.25 -24.28 -13.85
C ARG B 27 -21.46 -24.03 -12.57
N GLU B 28 -20.18 -24.41 -12.57
CA GLU B 28 -19.36 -24.23 -11.36
C GLU B 28 -18.83 -22.79 -11.28
N ALA B 29 -19.74 -21.83 -11.18
CA ALA B 29 -19.39 -20.40 -11.22
C ALA B 29 -18.58 -19.92 -10.01
N ALA B 30 -18.93 -20.40 -8.82
CA ALA B 30 -18.29 -19.99 -7.59
C ALA B 30 -17.47 -21.10 -6.93
N ILE B 31 -16.32 -20.74 -6.37
CA ILE B 31 -15.53 -21.70 -5.60
C ILE B 31 -16.32 -22.02 -4.33
N VAL B 32 -16.44 -23.32 -4.05
CA VAL B 32 -17.06 -23.83 -2.82
C VAL B 32 -15.99 -24.60 -2.04
N THR B 33 -15.77 -24.23 -0.77
CA THR B 33 -14.98 -25.03 0.18
C THR B 33 -15.55 -24.88 1.58
N ASP B 34 -15.02 -25.62 2.55
CA ASP B 34 -15.52 -25.56 3.94
C ASP B 34 -14.89 -24.42 4.74
N ILE B 35 -14.10 -23.58 4.05
CA ILE B 35 -13.45 -22.46 4.70
C ILE B 35 -14.36 -21.24 4.63
N ALA B 36 -14.71 -20.72 5.80
CA ALA B 36 -15.52 -19.52 5.91
C ALA B 36 -14.70 -18.39 5.27
N GLY B 37 -15.35 -17.59 4.43
CA GLY B 37 -14.65 -16.47 3.73
C GLY B 37 -14.00 -16.96 2.45
N THR B 38 -14.53 -18.03 1.87
CA THR B 38 -14.14 -18.46 0.50
C THR B 38 -14.53 -17.36 -0.51
N THR B 39 -15.81 -17.03 -0.61
CA THR B 39 -16.30 -15.94 -1.49
C THR B 39 -16.07 -14.56 -0.86
N ARG B 40 -15.50 -13.63 -1.62
CA ARG B 40 -15.39 -12.21 -1.17
C ARG B 40 -15.96 -11.30 -2.26
N ASP B 41 -15.44 -11.42 -3.49
CA ASP B 41 -16.07 -10.74 -4.62
C ASP B 41 -17.52 -11.15 -4.82
N VAL B 42 -18.33 -10.18 -5.26
CA VAL B 42 -19.70 -10.42 -5.72
C VAL B 42 -19.65 -11.18 -7.05
N LEU B 43 -20.39 -12.29 -7.10
CA LEU B 43 -20.50 -13.15 -8.30
C LEU B 43 -21.91 -13.07 -8.89
N ARG B 44 -22.02 -12.70 -10.16
CA ARG B 44 -23.33 -12.50 -10.79
C ARG B 44 -23.56 -13.47 -11.94
N GLU B 45 -24.71 -14.16 -11.93
CA GLU B 45 -25.05 -15.07 -13.02
C GLU B 45 -26.43 -14.76 -13.60
N HIS B 46 -26.49 -14.74 -14.94
CA HIS B 46 -27.74 -14.57 -15.67
C HIS B 46 -28.40 -15.94 -15.86
N ILE B 47 -29.68 -16.02 -15.52
CA ILE B 47 -30.45 -17.23 -15.74
C ILE B 47 -31.85 -16.82 -16.22
N HIS B 48 -32.65 -17.82 -16.55
CA HIS B 48 -34.08 -17.63 -16.78
C HIS B 48 -34.79 -18.88 -16.28
N ILE B 49 -36.06 -18.74 -15.95
CA ILE B 49 -36.83 -19.87 -15.43
C ILE B 49 -37.85 -20.40 -16.47
N ASP B 50 -38.76 -19.53 -16.89
CA ASP B 50 -39.78 -19.86 -17.93
C ASP B 50 -40.27 -18.54 -18.51
N GLY B 51 -39.45 -17.92 -19.35
CA GLY B 51 -39.76 -16.62 -19.94
C GLY B 51 -39.30 -15.43 -19.11
N MSE B 52 -38.95 -15.69 -17.85
CA MSE B 52 -38.55 -14.64 -16.89
C MSE B 52 -37.04 -14.61 -16.69
O MSE B 52 -36.47 -15.58 -16.17
CB MSE B 52 -39.25 -14.85 -15.53
CG MSE B 52 -38.92 -13.78 -14.48
SE MSE B 52 -39.52 -14.31 -12.68
CE MSE B 52 -38.59 -15.73 -12.52
N PRO B 53 -36.38 -13.52 -17.12
CA PRO B 53 -34.95 -13.40 -16.87
C PRO B 53 -34.67 -12.74 -15.52
N LEU B 54 -33.63 -13.21 -14.85
CA LEU B 54 -33.20 -12.62 -13.58
C LEU B 54 -31.68 -12.76 -13.41
N HIS B 55 -31.12 -11.90 -12.56
CA HIS B 55 -29.72 -12.02 -12.17
C HIS B 55 -29.66 -12.65 -10.80
N ILE B 56 -28.89 -13.73 -10.66
CA ILE B 56 -28.68 -14.36 -9.37
C ILE B 56 -27.29 -13.99 -8.85
N ILE B 57 -27.24 -13.51 -7.61
CA ILE B 57 -26.06 -12.78 -7.12
C ILE B 57 -25.53 -13.44 -5.82
N ASP B 58 -24.30 -13.98 -5.86
CA ASP B 58 -23.68 -14.64 -4.73
C ASP B 58 -22.80 -13.58 -4.01
N THR B 59 -22.74 -13.62 -2.68
CA THR B 59 -22.05 -12.58 -1.90
C THR B 59 -21.25 -13.21 -0.74
N ALA B 60 -20.30 -12.48 -0.17
CA ALA B 60 -19.49 -12.96 0.93
C ALA B 60 -20.37 -13.19 2.15
N GLY B 61 -20.15 -14.29 2.86
CA GLY B 61 -20.87 -14.56 4.13
C GLY B 61 -20.70 -13.42 5.11
N LEU B 62 -21.80 -13.04 5.78
CA LEU B 62 -21.82 -11.84 6.61
C LEU B 62 -21.23 -12.07 8.02
N ARG B 63 -20.26 -11.25 8.36
CA ARG B 63 -19.70 -11.21 9.71
C ARG B 63 -18.87 -9.94 9.85
N GLU B 64 -18.29 -9.75 11.03
CA GLU B 64 -17.27 -8.70 11.25
C GLU B 64 -15.91 -9.35 11.00
N ALA B 65 -15.28 -9.02 9.86
CA ALA B 65 -14.11 -9.76 9.38
C ALA B 65 -12.81 -8.96 9.52
N SER B 66 -11.77 -9.63 10.00
CA SER B 66 -10.40 -9.06 10.06
C SER B 66 -9.61 -9.30 8.75
N ASP B 67 -10.17 -10.07 7.82
CA ASP B 67 -9.51 -10.31 6.53
C ASP B 67 -9.93 -9.10 5.68
N GLU B 68 -8.99 -8.23 5.30
CA GLU B 68 -9.36 -6.99 4.57
C GLU B 68 -10.20 -7.21 3.31
N VAL B 69 -9.81 -8.17 2.47
CA VAL B 69 -10.54 -8.45 1.23
C VAL B 69 -11.95 -8.92 1.57
N GLU B 70 -12.05 -9.79 2.57
CA GLU B 70 -13.38 -10.28 3.00
C GLU B 70 -14.25 -9.15 3.57
N ARG B 71 -13.65 -8.21 4.30
CA ARG B 71 -14.38 -7.08 4.88
C ARG B 71 -14.99 -6.23 3.74
N ILE B 72 -14.17 -5.99 2.72
CA ILE B 72 -14.66 -5.25 1.54
C ILE B 72 -15.84 -6.01 0.89
N GLY B 73 -15.66 -7.32 0.68
CA GLY B 73 -16.68 -8.22 0.13
C GLY B 73 -17.98 -8.11 0.89
N ILE B 74 -17.85 -8.09 2.22
CA ILE B 74 -19.04 -7.97 3.10
C ILE B 74 -19.76 -6.62 2.94
N GLU B 75 -18.99 -5.53 2.83
CA GLU B 75 -19.55 -4.22 2.50
C GLU B 75 -20.28 -4.29 1.16
N ARG B 76 -19.65 -4.90 0.17
CA ARG B 76 -20.30 -5.05 -1.13
C ARG B 76 -21.56 -5.91 -1.06
N ALA B 77 -21.57 -6.91 -0.18
CA ALA B 77 -22.75 -7.78 -0.01
C ALA B 77 -23.95 -6.94 0.43
N TRP B 78 -23.75 -6.12 1.46
CA TRP B 78 -24.78 -5.19 1.89
C TRP B 78 -25.26 -4.24 0.80
N GLN B 79 -24.33 -3.79 -0.03
CA GLN B 79 -24.68 -2.94 -1.18
C GLN B 79 -25.56 -3.70 -2.19
N GLU B 80 -25.26 -4.97 -2.42
CA GLU B 80 -26.12 -5.81 -3.29
C GLU B 80 -27.53 -5.94 -2.70
N ILE B 81 -27.58 -6.18 -1.40
CA ILE B 81 -28.88 -6.24 -0.69
C ILE B 81 -29.73 -4.96 -0.87
N GLU B 82 -29.09 -3.79 -0.77
CA GLU B 82 -29.73 -2.48 -1.01
C GLU B 82 -30.43 -2.39 -2.38
N GLN B 83 -29.91 -3.12 -3.38
CA GLN B 83 -30.45 -3.04 -4.75
C GLN B 83 -31.28 -4.26 -5.16
N ALA B 84 -31.40 -5.26 -4.28
CA ALA B 84 -32.08 -6.52 -4.59
C ALA B 84 -33.58 -6.31 -4.77
N ASP B 85 -34.19 -7.12 -5.64
CA ASP B 85 -35.65 -7.23 -5.67
C ASP B 85 -36.16 -8.36 -4.77
N ARG B 86 -35.27 -9.31 -4.45
CA ARG B 86 -35.52 -10.37 -3.47
C ARG B 86 -34.21 -10.88 -2.87
N VAL B 87 -34.26 -11.21 -1.57
CA VAL B 87 -33.14 -11.84 -0.89
C VAL B 87 -33.47 -13.26 -0.47
N LEU B 88 -32.57 -14.18 -0.80
CA LEU B 88 -32.57 -15.52 -0.27
C LEU B 88 -31.68 -15.57 0.98
N PHE B 89 -32.33 -15.68 2.14
CA PHE B 89 -31.59 -15.77 3.38
C PHE B 89 -31.20 -17.22 3.65
N MSE B 90 -29.94 -17.57 3.31
CA MSE B 90 -29.41 -18.92 3.41
C MSE B 90 -29.00 -19.24 4.84
O MSE B 90 -28.20 -18.51 5.45
CB MSE B 90 -28.16 -19.03 2.52
CG MSE B 90 -27.76 -20.42 2.12
SE MSE B 90 -29.18 -21.30 1.10
CE MSE B 90 -29.52 -20.05 0.02
N VAL B 91 -29.52 -20.35 5.35
CA VAL B 91 -29.23 -20.79 6.70
C VAL B 91 -28.71 -22.23 6.72
N ASP B 92 -27.61 -22.46 7.45
CA ASP B 92 -27.06 -23.80 7.66
C ASP B 92 -27.97 -24.49 8.68
N GLY B 93 -28.88 -25.34 8.18
CA GLY B 93 -29.87 -26.03 9.02
C GLY B 93 -29.28 -26.91 10.11
N THR B 94 -28.01 -27.26 9.96
CA THR B 94 -27.29 -28.01 10.97
C THR B 94 -26.97 -27.16 12.21
N THR B 95 -27.01 -25.84 12.07
CA THR B 95 -26.57 -24.90 13.13
C THR B 95 -27.63 -24.52 14.14
N THR B 96 -28.90 -24.71 13.76
CA THR B 96 -30.04 -24.33 14.59
C THR B 96 -31.30 -25.06 14.17
N ASP B 97 -32.17 -25.32 15.14
CA ASP B 97 -33.50 -25.84 14.85
C ASP B 97 -34.55 -24.75 14.58
N ALA B 98 -34.25 -23.49 14.88
CA ALA B 98 -35.19 -22.38 14.65
C ALA B 98 -35.58 -22.25 13.18
N VAL B 99 -36.81 -21.83 12.95
CA VAL B 99 -37.29 -21.63 11.60
C VAL B 99 -37.67 -20.16 11.37
N ASP B 100 -38.15 -19.50 12.42
CA ASP B 100 -38.48 -18.08 12.29
C ASP B 100 -37.18 -17.28 12.21
N PRO B 101 -37.00 -16.48 11.14
CA PRO B 101 -35.71 -15.78 11.01
C PRO B 101 -35.41 -14.82 12.15
N ALA B 102 -36.45 -14.37 12.86
CA ALA B 102 -36.28 -13.52 14.03
C ALA B 102 -35.55 -14.23 15.16
N GLU B 103 -35.68 -15.57 15.21
CA GLU B 103 -34.97 -16.38 16.16
C GLU B 103 -33.58 -16.76 15.60
N ILE B 104 -33.48 -16.88 14.28
CA ILE B 104 -32.21 -17.29 13.67
C ILE B 104 -31.19 -16.15 13.74
N TRP B 105 -31.56 -14.96 13.27
CA TRP B 105 -30.61 -13.83 13.24
C TRP B 105 -31.36 -12.51 13.11
N PRO B 106 -31.89 -12.00 14.24
CA PRO B 106 -32.77 -10.84 14.19
C PRO B 106 -32.09 -9.58 13.65
N GLU B 107 -30.80 -9.41 13.90
CA GLU B 107 -30.09 -8.20 13.44
C GLU B 107 -30.05 -8.16 11.90
N PHE B 108 -29.81 -9.32 11.28
CA PHE B 108 -29.81 -9.38 9.79
C PHE B 108 -31.19 -8.92 9.28
N ILE B 109 -32.25 -9.53 9.83
CA ILE B 109 -33.58 -9.26 9.30
C ILE B 109 -33.96 -7.77 9.49
N ALA B 110 -33.67 -7.23 10.67
CA ALA B 110 -33.93 -5.83 10.98
C ALA B 110 -33.17 -4.86 10.08
N ARG B 111 -31.98 -5.28 9.62
CA ARG B 111 -31.11 -4.42 8.81
C ARG B 111 -31.56 -4.34 7.35
N LEU B 112 -32.31 -5.35 6.91
CA LEU B 112 -32.78 -5.41 5.52
C LEU B 112 -33.63 -4.19 5.16
N PRO B 113 -33.55 -3.73 3.90
CA PRO B 113 -34.42 -2.65 3.46
C PRO B 113 -35.91 -2.96 3.76
N ALA B 114 -36.66 -1.95 4.22
CA ALA B 114 -38.10 -2.14 4.49
C ALA B 114 -38.78 -2.79 3.29
N LYS B 115 -39.61 -3.80 3.51
CA LYS B 115 -40.34 -4.41 2.36
C LYS B 115 -39.49 -4.95 1.14
N LEU B 116 -38.19 -5.17 1.34
CA LEU B 116 -37.48 -6.12 0.48
C LEU B 116 -38.02 -7.51 0.84
N PRO B 117 -38.61 -8.23 -0.14
CA PRO B 117 -39.05 -9.59 0.18
C PRO B 117 -37.91 -10.58 0.44
N ILE B 118 -38.15 -11.42 1.43
CA ILE B 118 -37.21 -12.41 1.95
C ILE B 118 -37.76 -13.82 1.76
N THR B 119 -36.94 -14.70 1.20
CA THR B 119 -37.22 -16.13 1.25
C THR B 119 -36.20 -16.77 2.19
N VAL B 120 -36.68 -17.54 3.17
CA VAL B 120 -35.79 -18.20 4.11
C VAL B 120 -35.41 -19.60 3.61
N VAL B 121 -34.11 -19.81 3.39
CA VAL B 121 -33.65 -21.10 2.86
C VAL B 121 -32.85 -21.87 3.92
N ARG B 122 -33.44 -22.95 4.44
CA ARG B 122 -32.73 -23.83 5.36
C ARG B 122 -31.99 -24.92 4.57
N ASN B 123 -30.69 -24.74 4.43
CA ASN B 123 -29.86 -25.63 3.64
C ASN B 123 -29.34 -26.83 4.44
N LYS B 124 -28.72 -27.79 3.73
CA LYS B 124 -28.05 -28.96 4.32
C LYS B 124 -29.08 -29.94 4.91
N ALA B 125 -30.25 -29.99 4.29
CA ALA B 125 -31.32 -30.97 4.63
C ALA B 125 -30.79 -32.40 4.59
N ASP B 126 -29.86 -32.67 3.68
CA ASP B 126 -29.19 -33.99 3.59
C ASP B 126 -28.53 -34.42 4.90
N ILE B 127 -28.15 -33.46 5.73
CA ILE B 127 -27.55 -33.81 7.01
C ILE B 127 -28.58 -33.93 8.12
N THR B 128 -29.49 -32.96 8.16
CA THR B 128 -30.46 -32.84 9.26
C THR B 128 -31.59 -33.87 9.13
N GLY B 129 -31.92 -34.23 7.90
CA GLY B 129 -33.01 -35.15 7.62
C GLY B 129 -34.37 -34.46 7.55
N GLU B 130 -34.37 -33.13 7.42
CA GLU B 130 -35.59 -32.33 7.30
C GLU B 130 -36.42 -32.66 6.08
N THR B 131 -37.74 -32.48 6.24
CA THR B 131 -38.66 -32.63 5.12
C THR B 131 -38.44 -31.52 4.10
N LEU B 132 -38.20 -31.92 2.85
CA LEU B 132 -37.89 -30.98 1.76
C LEU B 132 -39.13 -30.26 1.23
N GLY B 133 -38.95 -29.01 0.79
CA GLY B 133 -40.04 -28.27 0.16
C GLY B 133 -40.41 -26.97 0.87
N MSE B 134 -41.52 -26.38 0.42
CA MSE B 134 -41.94 -25.07 0.91
C MSE B 134 -42.98 -25.07 2.01
O MSE B 134 -43.86 -25.96 2.09
CB MSE B 134 -42.42 -24.16 -0.22
CG MSE B 134 -42.25 -22.67 0.14
SE MSE B 134 -42.44 -21.56 -1.40
CE MSE B 134 -44.24 -20.77 -0.98
N SER B 135 -42.87 -24.04 2.84
CA SER B 135 -43.88 -23.68 3.83
C SER B 135 -43.73 -22.18 4.10
N GLU B 136 -44.36 -21.70 5.16
CA GLU B 136 -44.35 -20.28 5.47
C GLU B 136 -44.10 -20.14 6.96
N VAL B 137 -43.37 -19.09 7.34
CA VAL B 137 -43.16 -18.80 8.75
C VAL B 137 -43.31 -17.29 8.98
N ASN B 138 -44.23 -16.91 9.86
CA ASN B 138 -44.50 -15.49 10.14
C ASN B 138 -44.62 -14.66 8.84
N GLY B 139 -45.27 -15.26 7.82
CA GLY B 139 -45.48 -14.58 6.55
C GLY B 139 -44.35 -14.68 5.56
N HIS B 140 -43.20 -15.19 6.02
CA HIS B 140 -42.03 -15.44 5.15
C HIS B 140 -42.09 -16.81 4.50
N ALA B 141 -41.82 -16.85 3.21
CA ALA B 141 -41.61 -18.11 2.50
C ALA B 141 -40.41 -18.85 3.08
N LEU B 142 -40.56 -20.15 3.24
CA LEU B 142 -39.53 -21.00 3.83
C LEU B 142 -39.34 -22.26 3.01
N ILE B 143 -38.09 -22.51 2.60
CA ILE B 143 -37.77 -23.67 1.76
C ILE B 143 -36.65 -24.48 2.40
N ARG B 144 -36.82 -25.80 2.45
CA ARG B 144 -35.82 -26.68 3.02
C ARG B 144 -35.23 -27.46 1.85
N LEU B 145 -33.91 -27.34 1.64
CA LEU B 145 -33.28 -27.96 0.48
C LEU B 145 -31.85 -28.39 0.75
N SER B 146 -31.24 -29.02 -0.25
CA SER B 146 -29.80 -29.32 -0.23
C SER B 146 -29.21 -28.76 -1.51
N ALA B 147 -28.40 -27.71 -1.37
CA ALA B 147 -27.75 -27.10 -2.51
C ALA B 147 -26.71 -28.08 -3.09
N ARG B 148 -26.08 -28.87 -2.22
CA ARG B 148 -25.08 -29.86 -2.65
C ARG B 148 -25.67 -30.99 -3.51
N THR B 149 -26.83 -31.52 -3.14
CA THR B 149 -27.41 -32.67 -3.86
C THR B 149 -28.44 -32.24 -4.89
N GLY B 150 -28.89 -31.00 -4.80
CA GLY B 150 -29.93 -30.47 -5.66
C GLY B 150 -31.33 -30.79 -5.17
N GLU B 151 -31.39 -31.68 -4.18
CA GLU B 151 -32.65 -32.13 -3.56
C GLU B 151 -33.38 -30.91 -3.02
N GLY B 152 -34.50 -30.57 -3.63
CA GLY B 152 -35.33 -29.42 -3.21
C GLY B 152 -35.21 -28.12 -4.00
N VAL B 153 -34.30 -28.05 -4.96
CA VAL B 153 -33.95 -26.80 -5.65
C VAL B 153 -34.96 -26.40 -6.73
N ASP B 154 -35.63 -27.39 -7.34
CA ASP B 154 -36.72 -27.09 -8.28
C ASP B 154 -37.85 -26.33 -7.60
N VAL B 155 -38.16 -26.70 -6.36
CA VAL B 155 -39.14 -25.98 -5.52
C VAL B 155 -38.72 -24.52 -5.34
N LEU B 156 -37.42 -24.25 -5.18
CA LEU B 156 -36.94 -22.88 -5.18
C LEU B 156 -37.17 -22.17 -6.54
N ARG B 157 -36.89 -22.86 -7.63
CA ARG B 157 -37.08 -22.30 -8.97
C ARG B 157 -38.53 -21.89 -9.26
N ASN B 158 -39.48 -22.80 -9.00
CA ASN B 158 -40.89 -22.51 -9.21
C ASN B 158 -41.31 -21.31 -8.37
N HIS B 159 -40.85 -21.30 -7.12
CA HIS B 159 -41.12 -20.21 -6.15
C HIS B 159 -40.75 -18.85 -6.73
N LEU B 160 -39.54 -18.74 -7.28
CA LEU B 160 -39.08 -17.48 -7.88
C LEU B 160 -39.97 -17.03 -9.05
N LYS B 161 -40.35 -17.99 -9.89
CA LYS B 161 -41.25 -17.68 -11.01
C LYS B 161 -42.63 -17.20 -10.54
N GLN B 162 -43.17 -17.86 -9.51
CA GLN B 162 -44.49 -17.47 -9.01
C GLN B 162 -44.44 -16.15 -8.25
N SER B 163 -43.43 -15.98 -7.39
CA SER B 163 -43.33 -14.81 -6.52
C SER B 163 -42.92 -13.53 -7.27
N MSE B 164 -42.17 -13.67 -8.36
CA MSE B 164 -41.68 -12.51 -9.11
C MSE B 164 -41.78 -12.61 -10.64
O MSE B 164 -42.57 -13.40 -11.19
CB MSE B 164 -40.23 -12.22 -8.71
CG MSE B 164 -39.31 -13.43 -8.60
SE MSE B 164 -37.62 -13.02 -7.64
CE MSE B 164 -37.41 -11.21 -8.21
N GLY C 4 -0.22 18.69 11.06
CA GLY C 4 -0.62 17.26 11.27
C GLY C 4 -0.13 16.62 12.59
N MSE C 5 -0.99 15.79 13.18
CA MSE C 5 -0.68 15.06 14.43
C MSE C 5 0.45 14.03 14.27
O MSE C 5 0.74 13.64 13.16
CB MSE C 5 -1.93 14.36 14.94
CG MSE C 5 -2.95 15.29 15.59
SE MSE C 5 -4.56 14.30 15.96
CE MSE C 5 -4.03 13.40 17.63
N LYS C 6 1.04 13.59 15.40
CA LYS C 6 2.30 12.83 15.41
C LYS C 6 2.05 11.37 15.57
N VAL C 7 2.41 10.60 14.54
CA VAL C 7 2.33 9.15 14.60
C VAL C 7 3.75 8.60 14.70
N VAL C 8 4.07 7.98 15.83
CA VAL C 8 5.46 7.50 16.04
C VAL C 8 5.58 5.98 15.81
N ILE C 9 6.53 5.59 14.96
CA ILE C 9 6.75 4.18 14.69
C ILE C 9 7.82 3.70 15.69
N ALA C 10 7.44 2.68 16.46
CA ALA C 10 8.28 2.23 17.57
C ALA C 10 8.43 0.70 17.63
N GLY C 11 9.55 0.21 18.17
CA GLY C 11 9.65 -1.26 18.32
C GLY C 11 11.12 -1.67 18.42
N ARG C 12 11.34 -2.99 18.54
CA ARG C 12 12.66 -3.61 18.45
C ARG C 12 13.42 -3.33 17.13
N PRO C 13 14.76 -3.42 17.19
CA PRO C 13 15.52 -3.31 15.95
C PRO C 13 15.08 -4.35 14.93
N ASN C 14 15.18 -3.98 13.65
CA ASN C 14 14.83 -4.90 12.53
C ASN C 14 13.37 -5.32 12.44
N ALA C 15 12.48 -4.64 13.15
CA ALA C 15 11.05 -4.97 13.04
C ALA C 15 10.47 -4.55 11.67
N GLY C 16 11.14 -3.61 11.00
CA GLY C 16 10.70 -3.09 9.70
C GLY C 16 10.11 -1.68 9.78
N LYS C 17 10.52 -0.91 10.79
CA LYS C 17 9.97 0.45 11.02
C LYS C 17 10.28 1.41 9.90
N SER C 18 11.53 1.43 9.43
CA SER C 18 11.89 2.29 8.28
C SER C 18 11.24 1.83 6.96
N SER C 19 11.11 0.52 6.78
CA SER C 19 10.36 -0.08 5.66
C SER C 19 8.93 0.46 5.64
N LEU C 20 8.31 0.53 6.83
CA LEU C 20 6.93 1.08 6.97
C LEU C 20 6.90 2.57 6.70
N LEU C 21 7.90 3.29 7.19
CA LEU C 21 7.97 4.74 6.95
C LEU C 21 7.97 4.98 5.43
N ASN C 22 8.85 4.27 4.74
CA ASN C 22 8.98 4.45 3.30
C ASN C 22 7.68 4.13 2.56
N ALA C 23 6.97 3.09 3.02
CA ALA C 23 5.69 2.67 2.43
C ALA C 23 4.68 3.83 2.62
N LEU C 24 4.59 4.35 3.85
CA LEU C 24 3.65 5.47 4.11
C LEU C 24 4.02 6.74 3.36
N ALA C 25 5.32 6.96 3.18
CA ALA C 25 5.82 8.21 2.58
C ALA C 25 5.79 8.15 1.06
N GLY C 26 5.77 6.94 0.53
CA GLY C 26 5.73 6.72 -0.92
C GLY C 26 7.05 6.99 -1.61
N ARG C 27 8.14 6.96 -0.83
CA ARG C 27 9.49 7.07 -1.36
C ARG C 27 10.51 6.54 -0.34
N GLU C 28 11.75 6.41 -0.79
CA GLU C 28 12.78 5.76 0.04
C GLU C 28 13.47 6.75 0.97
N ALA C 29 12.69 7.26 1.92
CA ALA C 29 13.09 8.29 2.86
C ALA C 29 14.18 7.83 3.82
N ALA C 30 14.01 6.63 4.36
CA ALA C 30 14.90 6.09 5.38
C ALA C 30 15.72 4.94 4.82
N ILE C 31 16.99 4.85 5.24
CA ILE C 31 17.79 3.67 4.89
C ILE C 31 17.25 2.40 5.56
N VAL C 32 17.13 1.33 4.76
CA VAL C 32 16.68 0.00 5.19
C VAL C 32 17.78 -1.03 4.92
N THR C 33 18.23 -1.70 5.99
CA THR C 33 19.12 -2.89 5.84
C THR C 33 18.72 -3.91 6.89
N ASP C 34 19.26 -5.13 6.76
CA ASP C 34 19.09 -6.16 7.79
C ASP C 34 20.01 -5.98 9.03
N ILE C 35 20.77 -4.88 9.10
CA ILE C 35 21.60 -4.56 10.25
C ILE C 35 20.83 -3.85 11.36
N ALA C 36 20.72 -4.46 12.54
CA ALA C 36 20.12 -3.77 13.69
C ALA C 36 20.88 -2.48 13.95
N GLY C 37 20.17 -1.37 14.16
CA GLY C 37 20.82 -0.10 14.41
C GLY C 37 21.17 0.74 13.18
N THR C 38 20.47 0.46 12.09
CA THR C 38 20.53 1.28 10.87
C THR C 38 20.01 2.69 11.14
N THR C 39 18.75 2.80 11.55
CA THR C 39 18.23 4.10 11.99
C THR C 39 18.76 4.46 13.37
N ARG C 40 19.31 5.66 13.49
CA ARG C 40 19.68 6.26 14.80
C ARG C 40 19.00 7.62 15.00
N ASP C 41 19.19 8.54 14.04
CA ASP C 41 18.47 9.82 14.06
C ASP C 41 16.98 9.60 13.86
N VAL C 42 16.19 10.47 14.48
CA VAL C 42 14.75 10.47 14.32
C VAL C 42 14.47 11.03 12.93
N LEU C 43 13.66 10.33 12.16
CA LEU C 43 13.32 10.77 10.79
C LEU C 43 11.83 11.11 10.73
N ARG C 44 11.52 12.33 10.29
CA ARG C 44 10.13 12.83 10.27
C ARG C 44 9.69 13.03 8.84
N GLU C 45 8.54 12.45 8.49
CA GLU C 45 7.98 12.62 7.14
C GLU C 45 6.59 13.18 7.28
N HIS C 46 6.33 14.29 6.61
CA HIS C 46 5.01 14.86 6.66
C HIS C 46 4.20 14.28 5.51
N ILE C 47 3.06 13.67 5.82
CA ILE C 47 2.16 13.18 4.76
C ILE C 47 0.75 13.74 4.89
N HIS C 48 -0.09 13.43 3.91
CA HIS C 48 -1.55 13.51 4.07
C HIS C 48 -2.13 12.18 3.65
N ILE C 49 -3.27 11.86 4.23
CA ILE C 49 -4.07 10.74 3.80
C ILE C 49 -5.43 11.32 3.49
N ASP C 50 -5.81 11.30 2.21
CA ASP C 50 -7.08 11.88 1.72
C ASP C 50 -7.36 13.25 2.32
N GLY C 51 -6.37 14.14 2.28
CA GLY C 51 -6.55 15.52 2.72
C GLY C 51 -6.17 15.87 4.15
N MSE C 52 -6.00 14.85 5.00
CA MSE C 52 -5.71 15.03 6.42
C MSE C 52 -4.20 14.98 6.65
O MSE C 52 -3.59 13.95 6.34
CB MSE C 52 -6.32 13.89 7.26
CG MSE C 52 -6.06 13.99 8.76
SE MSE C 52 -6.38 12.32 9.84
CE MSE C 52 -5.00 11.13 9.04
N PRO C 53 -3.60 16.07 7.19
CA PRO C 53 -2.15 16.04 7.42
C PRO C 53 -1.73 15.15 8.62
N LEU C 54 -0.55 14.54 8.54
CA LEU C 54 0.07 13.79 9.67
C LEU C 54 1.58 13.90 9.62
N HIS C 55 2.23 13.76 10.79
CA HIS C 55 3.69 13.61 10.81
C HIS C 55 3.95 12.15 11.13
N ILE C 56 4.68 11.46 10.27
CA ILE C 56 5.06 10.06 10.54
C ILE C 56 6.52 10.09 10.98
N ILE C 57 6.81 9.45 12.11
CA ILE C 57 8.09 9.63 12.71
C ILE C 57 8.73 8.26 12.96
N ASP C 58 9.86 8.04 12.29
CA ASP C 58 10.65 6.82 12.37
C ASP C 58 11.76 7.02 13.40
N THR C 59 12.04 5.96 14.18
CA THR C 59 12.93 6.05 15.33
C THR C 59 13.86 4.81 15.41
N ALA C 60 14.98 4.96 16.13
CA ALA C 60 15.87 3.83 16.39
C ALA C 60 15.18 2.69 17.15
N GLY C 61 15.42 1.46 16.68
CA GLY C 61 14.86 0.25 17.34
C GLY C 61 15.37 0.16 18.78
N LEU C 62 14.47 -0.19 19.70
CA LEU C 62 14.75 -0.12 21.12
C LEU C 62 15.47 -1.35 21.61
N ARG C 63 16.69 -1.13 22.13
CA ARG C 63 17.49 -2.22 22.68
C ARG C 63 18.57 -1.64 23.59
N GLU C 64 19.32 -2.52 24.25
CA GLU C 64 20.55 -2.10 24.94
C GLU C 64 21.66 -2.08 23.91
N ALA C 65 21.99 -0.89 23.42
CA ALA C 65 22.98 -0.76 22.34
C ALA C 65 24.36 -0.42 22.88
N SER C 66 25.38 -0.94 22.22
CA SER C 66 26.75 -0.65 22.62
C SER C 66 27.30 0.56 21.86
N ASP C 67 26.79 0.79 20.65
CA ASP C 67 27.24 1.90 19.81
C ASP C 67 26.73 3.23 20.37
N GLU C 68 27.64 4.17 20.55
CA GLU C 68 27.31 5.43 21.23
C GLU C 68 26.24 6.29 20.49
N VAL C 69 26.34 6.39 19.16
CA VAL C 69 25.35 7.16 18.41
C VAL C 69 23.96 6.46 18.44
N GLU C 70 23.95 5.14 18.34
CA GLU C 70 22.71 4.35 18.51
C GLU C 70 22.07 4.53 19.90
N ARG C 71 22.90 4.52 20.95
CA ARG C 71 22.41 4.85 22.30
C ARG C 71 21.68 6.19 22.36
N ILE C 72 22.25 7.21 21.71
CA ILE C 72 21.66 8.54 21.72
C ILE C 72 20.33 8.44 20.95
N GLY C 73 20.38 7.80 19.80
CA GLY C 73 19.16 7.58 19.00
C GLY C 73 18.03 6.87 19.73
N ILE C 74 18.38 5.93 20.59
CA ILE C 74 17.39 5.17 21.37
C ILE C 74 16.78 6.04 22.47
N GLU C 75 17.59 6.85 23.15
CA GLU C 75 17.05 7.88 24.06
C GLU C 75 16.05 8.79 23.33
N ARG C 76 16.44 9.29 22.16
CA ARG C 76 15.60 10.18 21.36
C ARG C 76 14.31 9.48 20.93
N ALA C 77 14.42 8.18 20.62
CA ALA C 77 13.24 7.36 20.27
C ALA C 77 12.24 7.37 21.42
N TRP C 78 12.70 7.07 22.64
CA TRP C 78 11.80 7.09 23.80
C TRP C 78 11.10 8.44 24.00
N GLN C 79 11.84 9.53 23.84
CA GLN C 79 11.27 10.88 23.95
C GLN C 79 10.15 11.09 22.89
N GLU C 80 10.38 10.62 21.67
CA GLU C 80 9.31 10.72 20.63
C GLU C 80 8.07 9.90 20.98
N ILE C 81 8.30 8.71 21.52
CA ILE C 81 7.21 7.77 21.81
C ILE C 81 6.35 8.41 22.90
N GLU C 82 7.01 8.90 23.95
CA GLU C 82 6.31 9.53 25.10
C GLU C 82 5.47 10.75 24.65
N GLN C 83 5.93 11.44 23.61
CA GLN C 83 5.30 12.69 23.15
C GLN C 83 4.35 12.52 21.94
N ALA C 84 4.18 11.27 21.50
CA ALA C 84 3.34 10.92 20.35
C ALA C 84 1.85 11.21 20.57
N ASP C 85 1.13 11.50 19.49
CA ASP C 85 -0.33 11.43 19.52
C ASP C 85 -0.88 10.02 19.32
N ARG C 86 -0.16 9.20 18.55
CA ARG C 86 -0.48 7.80 18.43
C ARG C 86 0.82 7.02 18.23
N VAL C 87 0.95 5.85 18.88
CA VAL C 87 2.14 5.02 18.62
C VAL C 87 1.77 3.81 17.75
N LEU C 88 2.60 3.51 16.75
CA LEU C 88 2.51 2.28 15.98
C LEU C 88 3.56 1.36 16.57
N PHE C 89 3.10 0.40 17.37
CA PHE C 89 3.99 -0.55 18.08
C PHE C 89 4.22 -1.69 17.08
N MSE C 90 5.39 -1.65 16.44
CA MSE C 90 5.74 -2.58 15.37
C MSE C 90 6.44 -3.83 15.91
O MSE C 90 7.48 -3.74 16.58
CB MSE C 90 6.72 -1.89 14.44
CG MSE C 90 6.99 -2.69 13.19
SE MSE C 90 5.52 -2.37 11.88
CE MSE C 90 6.69 -2.33 10.25
N VAL C 91 5.88 -4.98 15.55
CA VAL C 91 6.49 -6.28 15.91
C VAL C 91 6.83 -7.09 14.67
N ASP C 92 8.02 -7.71 14.67
CA ASP C 92 8.38 -8.66 13.64
C ASP C 92 7.57 -9.94 13.89
N GLY C 93 6.59 -10.19 13.04
CA GLY C 93 5.66 -11.28 13.21
C GLY C 93 6.33 -12.65 13.32
N THR C 94 7.53 -12.78 12.77
CA THR C 94 8.27 -14.05 12.87
C THR C 94 8.84 -14.34 14.26
N THR C 95 8.88 -13.32 15.13
CA THR C 95 9.55 -13.45 16.44
C THR C 95 8.59 -13.97 17.52
N THR C 96 7.29 -13.83 17.28
CA THR C 96 6.25 -14.26 18.26
C THR C 96 4.89 -14.32 17.59
N ASP C 97 4.02 -15.18 18.11
CA ASP C 97 2.66 -15.27 17.60
C ASP C 97 1.67 -14.46 18.44
N ALA C 98 2.20 -13.74 19.43
CA ALA C 98 1.37 -12.95 20.34
C ALA C 98 0.83 -11.69 19.67
N VAL C 99 -0.24 -11.14 20.24
CA VAL C 99 -0.97 -10.05 19.63
C VAL C 99 -1.15 -8.84 20.60
N ASP C 100 -1.12 -9.11 21.91
CA ASP C 100 -1.37 -8.07 22.90
C ASP C 100 -0.09 -7.33 23.25
N PRO C 101 -0.08 -6.01 23.06
CA PRO C 101 1.19 -5.30 23.28
C PRO C 101 1.66 -5.38 24.74
N ALA C 102 0.72 -5.46 25.68
CA ALA C 102 1.04 -5.61 27.10
C ALA C 102 1.70 -6.97 27.36
N GLU C 103 1.34 -7.96 26.55
CA GLU C 103 1.94 -9.30 26.64
C GLU C 103 3.30 -9.31 25.96
N ILE C 104 3.38 -8.73 24.76
CA ILE C 104 4.60 -8.73 23.95
C ILE C 104 5.75 -7.97 24.58
N TRP C 105 5.44 -6.85 25.22
CA TRP C 105 6.49 -6.00 25.77
C TRP C 105 6.02 -5.28 27.01
N PRO C 106 5.91 -6.02 28.12
CA PRO C 106 5.39 -5.42 29.34
C PRO C 106 6.08 -4.11 29.76
N GLU C 107 7.41 -4.00 29.67
CA GLU C 107 8.08 -2.75 30.08
C GLU C 107 7.70 -1.53 29.25
N PHE C 108 7.65 -1.73 27.92
CA PHE C 108 7.28 -0.68 26.96
C PHE C 108 5.94 -0.09 27.38
N ILE C 109 4.91 -0.93 27.41
CA ILE C 109 3.55 -0.47 27.73
C ILE C 109 3.50 0.15 29.14
N ALA C 110 4.25 -0.43 30.07
CA ALA C 110 4.13 0.01 31.47
C ALA C 110 4.78 1.38 31.75
N ARG C 111 5.63 1.87 30.85
CA ARG C 111 6.23 3.21 31.01
C ARG C 111 5.51 4.26 30.17
N LEU C 112 4.35 3.89 29.62
CA LEU C 112 3.49 4.87 28.91
C LEU C 112 2.11 4.96 29.58
N PRO C 113 1.46 6.13 29.47
CA PRO C 113 0.10 6.25 30.02
C PRO C 113 -0.88 5.28 29.37
N ALA C 114 -1.81 4.71 30.14
CA ALA C 114 -2.70 3.71 29.56
C ALA C 114 -3.62 4.31 28.48
N LYS C 115 -3.78 5.64 28.52
CA LYS C 115 -4.68 6.37 27.59
C LYS C 115 -3.99 6.73 26.26
N LEU C 116 -2.66 6.60 26.20
CA LEU C 116 -1.94 6.90 24.97
C LEU C 116 -2.39 5.92 23.86
N PRO C 117 -2.94 6.44 22.73
CA PRO C 117 -3.34 5.47 21.68
C PRO C 117 -2.17 4.66 21.09
N ILE C 118 -2.28 3.34 21.13
CA ILE C 118 -1.20 2.42 20.68
C ILE C 118 -1.81 1.40 19.74
N THR C 119 -1.35 1.38 18.49
CA THR C 119 -1.85 0.43 17.48
C THR C 119 -0.74 -0.63 17.29
N VAL C 120 -1.08 -1.91 17.41
CA VAL C 120 -0.13 -2.99 17.20
C VAL C 120 -0.04 -3.27 15.70
N VAL C 121 1.16 -3.22 15.13
CA VAL C 121 1.35 -3.64 13.74
C VAL C 121 2.27 -4.87 13.74
N ARG C 122 1.69 -6.01 13.37
CA ARG C 122 2.44 -7.25 13.13
C ARG C 122 2.96 -7.24 11.69
N ASN C 123 4.25 -6.95 11.55
CA ASN C 123 4.89 -6.89 10.22
C ASN C 123 5.39 -8.24 9.72
N LYS C 124 5.81 -8.27 8.46
CA LYS C 124 6.38 -9.48 7.84
C LYS C 124 5.38 -10.62 7.68
N ALA C 125 4.11 -10.26 7.48
CA ALA C 125 3.09 -11.28 7.18
C ALA C 125 3.39 -12.10 5.91
N ASP C 126 4.25 -11.57 5.04
CA ASP C 126 4.68 -12.35 3.86
C ASP C 126 5.46 -13.62 4.23
N ILE C 127 6.18 -13.55 5.34
CA ILE C 127 6.88 -14.73 5.90
C ILE C 127 5.96 -15.63 6.75
N THR C 128 5.14 -15.02 7.59
CA THR C 128 4.32 -15.78 8.53
C THR C 128 3.06 -16.39 7.90
N GLY C 129 2.64 -15.87 6.75
CA GLY C 129 1.38 -16.31 6.10
C GLY C 129 0.09 -15.89 6.81
N GLU C 130 0.21 -14.94 7.72
CA GLU C 130 -0.96 -14.42 8.42
C GLU C 130 -1.85 -13.68 7.45
N THR C 131 -3.12 -13.60 7.81
CA THR C 131 -4.13 -12.90 6.99
C THR C 131 -4.00 -11.40 7.21
N LEU C 132 -3.92 -10.66 6.10
CA LEU C 132 -3.71 -9.21 6.21
C LEU C 132 -5.04 -8.50 6.44
N GLY C 133 -5.01 -7.50 7.30
CA GLY C 133 -6.20 -6.77 7.73
C GLY C 133 -6.12 -6.24 9.15
N MSE C 134 -7.25 -5.72 9.60
CA MSE C 134 -7.36 -5.12 10.94
C MSE C 134 -8.29 -5.88 11.86
O MSE C 134 -9.41 -6.25 11.48
CB MSE C 134 -7.81 -3.65 10.89
CG MSE C 134 -7.68 -2.92 12.29
SE MSE C 134 -8.26 -1.08 11.97
CE MSE C 134 -10.18 -1.30 11.52
N SER C 135 -7.77 -6.11 13.06
CA SER C 135 -8.52 -6.71 14.15
C SER C 135 -8.43 -5.76 15.36
N GLU C 136 -8.69 -6.28 16.57
CA GLU C 136 -8.63 -5.47 17.79
C GLU C 136 -8.24 -6.39 18.93
N VAL C 137 -7.41 -5.90 19.85
CA VAL C 137 -7.00 -6.69 21.05
C VAL C 137 -6.92 -5.80 22.29
N ASN C 138 -7.70 -6.13 23.32
CA ASN C 138 -7.77 -5.27 24.54
C ASN C 138 -7.81 -3.76 24.25
N GLY C 139 -8.68 -3.36 23.32
CA GLY C 139 -8.89 -1.96 22.99
C GLY C 139 -7.93 -1.33 22.00
N HIS C 140 -6.86 -2.07 21.66
CA HIS C 140 -5.87 -1.65 20.66
C HIS C 140 -6.23 -2.16 19.25
N ALA C 141 -6.18 -1.28 18.25
CA ALA C 141 -6.21 -1.74 16.86
C ALA C 141 -5.02 -2.68 16.62
N LEU C 142 -5.23 -3.69 15.78
CA LEU C 142 -4.22 -4.70 15.49
C LEU C 142 -4.17 -4.96 13.99
N ILE C 143 -3.07 -4.57 13.36
CA ILE C 143 -2.97 -4.61 11.90
C ILE C 143 -1.89 -5.59 11.46
N ARG C 144 -2.25 -6.49 10.54
CA ARG C 144 -1.28 -7.45 9.98
C ARG C 144 -1.00 -7.01 8.56
N LEU C 145 0.29 -6.86 8.25
CA LEU C 145 0.71 -6.36 6.93
C LEU C 145 2.17 -6.75 6.63
N SER C 146 2.63 -6.39 5.43
CA SER C 146 4.03 -6.57 5.02
C SER C 146 4.58 -5.25 4.47
N ALA C 147 5.44 -4.58 5.23
CA ALA C 147 6.02 -3.27 4.81
C ALA C 147 6.84 -3.46 3.54
N ARG C 148 7.53 -4.59 3.45
CA ARG C 148 8.43 -4.84 2.28
C ARG C 148 7.70 -4.91 0.94
N THR C 149 6.57 -5.62 0.90
CA THR C 149 5.81 -5.83 -0.34
C THR C 149 4.70 -4.80 -0.53
N GLY C 150 4.46 -4.00 0.50
CA GLY C 150 3.42 -2.95 0.52
C GLY C 150 2.01 -3.50 0.77
N GLU C 151 1.91 -4.82 0.97
CA GLU C 151 0.60 -5.47 1.16
C GLU C 151 -0.02 -5.11 2.50
N GLY C 152 -1.30 -4.68 2.47
CA GLY C 152 -1.98 -4.24 3.70
C GLY C 152 -1.62 -2.88 4.25
N VAL C 153 -0.78 -2.11 3.54
CA VAL C 153 -0.49 -0.76 3.98
C VAL C 153 -1.72 0.17 3.88
N ASP C 154 -2.59 -0.07 2.88
CA ASP C 154 -3.81 0.74 2.76
C ASP C 154 -4.69 0.55 3.98
N VAL C 155 -4.68 -0.66 4.58
CA VAL C 155 -5.40 -0.89 5.83
C VAL C 155 -4.91 0.08 6.94
N LEU C 156 -3.59 0.22 7.06
CA LEU C 156 -3.03 1.14 8.04
C LEU C 156 -3.40 2.59 7.73
N ARG C 157 -3.31 2.97 6.45
CA ARG C 157 -3.73 4.34 6.03
C ARG C 157 -5.18 4.62 6.43
N ASN C 158 -6.08 3.69 6.13
CA ASN C 158 -7.50 3.85 6.51
C ASN C 158 -7.66 3.99 8.02
N HIS C 159 -6.93 3.17 8.76
CA HIS C 159 -6.96 3.22 10.22
C HIS C 159 -6.53 4.58 10.77
N LEU C 160 -5.48 5.15 10.20
CA LEU C 160 -4.96 6.44 10.67
C LEU C 160 -5.98 7.54 10.39
N LYS C 161 -6.58 7.49 9.21
CA LYS C 161 -7.75 8.33 8.86
C LYS C 161 -8.95 8.18 9.82
N GLN C 162 -9.38 6.95 10.06
CA GLN C 162 -10.49 6.68 10.98
C GLN C 162 -10.16 7.12 12.42
N SER C 163 -8.92 6.84 12.82
CA SER C 163 -8.41 7.00 14.19
C SER C 163 -8.36 8.43 14.64
N MSE C 164 -8.02 9.31 13.72
CA MSE C 164 -7.42 10.59 14.07
C MSE C 164 -8.06 11.82 13.43
O MSE C 164 -8.66 11.72 12.36
CB MSE C 164 -5.94 10.53 13.71
CG MSE C 164 -5.26 9.30 14.35
SE MSE C 164 -3.36 9.30 14.11
CE MSE C 164 -3.04 10.91 15.06
N GLY D 1 11.15 28.03 -8.37
CA GLY D 1 11.34 29.49 -8.19
C GLY D 1 11.57 29.73 -6.72
N SER D 2 12.56 30.58 -6.44
CA SER D 2 13.43 30.46 -5.25
C SER D 2 12.78 30.16 -3.89
N HIS D 3 11.71 30.86 -3.54
CA HIS D 3 10.93 30.49 -2.34
C HIS D 3 10.67 28.99 -2.34
N GLY D 4 10.98 28.34 -1.23
CA GLY D 4 10.81 26.91 -1.12
C GLY D 4 11.99 26.09 -1.62
N MSE D 5 13.08 26.74 -1.96
CA MSE D 5 14.26 26.04 -2.54
C MSE D 5 14.87 25.02 -1.56
O MSE D 5 14.58 25.03 -0.37
CB MSE D 5 15.34 27.03 -2.95
CG MSE D 5 15.99 27.77 -1.78
SE MSE D 5 17.61 28.74 -2.32
CE MSE D 5 17.99 29.68 -0.72
N LYS D 6 15.71 24.15 -2.11
CA LYS D 6 16.39 23.10 -1.37
C LYS D 6 17.84 23.45 -1.17
N VAL D 7 18.24 23.61 0.09
CA VAL D 7 19.62 23.97 0.43
C VAL D 7 20.27 22.74 1.04
N VAL D 8 21.31 22.25 0.41
CA VAL D 8 21.95 21.01 0.86
C VAL D 8 23.27 21.35 1.51
N ILE D 9 23.48 20.84 2.72
CA ILE D 9 24.74 21.03 3.44
C ILE D 9 25.62 19.81 3.18
N ALA D 10 26.84 20.04 2.68
CA ALA D 10 27.72 18.96 2.22
C ALA D 10 29.15 19.25 2.64
N GLY D 11 29.99 18.22 2.68
CA GLY D 11 31.36 18.41 3.14
C GLY D 11 31.92 17.12 3.69
N ARG D 12 33.16 17.18 4.12
CA ARG D 12 33.80 16.03 4.77
C ARG D 12 33.12 15.70 6.11
N PRO D 13 33.31 14.46 6.60
CA PRO D 13 32.87 14.11 7.96
C PRO D 13 33.44 15.08 9.01
N ASN D 14 32.64 15.35 10.05
CA ASN D 14 33.05 16.22 11.16
C ASN D 14 33.23 17.71 10.87
N ALA D 15 32.84 18.14 9.66
CA ALA D 15 32.88 19.58 9.32
C ALA D 15 31.96 20.47 10.19
N GLY D 16 30.90 19.88 10.73
CA GLY D 16 29.91 20.57 11.55
C GLY D 16 28.55 20.71 10.85
N LYS D 17 28.27 19.82 9.89
CA LYS D 17 27.05 19.92 9.03
C LYS D 17 25.72 19.84 9.82
N SER D 18 25.62 18.83 10.68
CA SER D 18 24.49 18.66 11.61
C SER D 18 24.40 19.77 12.66
N SER D 19 25.55 20.27 13.09
CA SER D 19 25.58 21.40 13.99
C SER D 19 24.93 22.59 13.29
N LEU D 20 25.23 22.76 12.01
CA LEU D 20 24.62 23.86 11.22
C LEU D 20 23.13 23.66 10.99
N LEU D 21 22.72 22.44 10.65
CA LEU D 21 21.28 22.15 10.52
C LEU D 21 20.52 22.56 11.78
N ASN D 22 21.02 22.12 12.94
CA ASN D 22 20.37 22.44 14.22
C ASN D 22 20.32 23.94 14.50
N ALA D 23 21.41 24.61 14.18
CA ALA D 23 21.47 26.07 14.28
C ALA D 23 20.39 26.74 13.41
N LEU D 24 20.27 26.30 12.16
CA LEU D 24 19.29 26.88 11.22
C LEU D 24 17.83 26.54 11.58
N ALA D 25 17.64 25.33 12.09
CA ALA D 25 16.29 24.83 12.39
C ALA D 25 15.82 25.27 13.78
N GLY D 26 16.75 25.72 14.61
CA GLY D 26 16.47 26.19 15.96
C GLY D 26 16.01 25.06 16.86
N ARG D 27 16.54 23.86 16.61
CA ARG D 27 16.05 22.67 17.27
C ARG D 27 17.11 21.56 17.07
N GLU D 28 17.18 20.64 18.02
CA GLU D 28 18.21 19.61 18.03
C GLU D 28 17.83 18.43 17.10
N ALA D 29 17.63 18.76 15.81
CA ALA D 29 17.12 17.82 14.82
C ALA D 29 18.08 16.66 14.54
N ALA D 30 19.38 16.94 14.51
CA ALA D 30 20.37 15.94 14.09
C ALA D 30 21.26 15.63 15.26
N ILE D 31 21.65 14.37 15.38
CA ILE D 31 22.62 13.96 16.40
C ILE D 31 23.98 14.54 16.04
N VAL D 32 24.59 15.23 17.00
CA VAL D 32 25.96 15.82 16.85
C VAL D 32 26.92 15.11 17.81
N THR D 33 28.00 14.56 17.26
CA THR D 33 29.11 13.98 18.06
C THR D 33 30.40 14.20 17.30
N ASP D 34 31.54 14.05 17.99
CA ASP D 34 32.82 14.11 17.28
C ASP D 34 33.21 12.80 16.55
N ILE D 35 32.29 11.85 16.47
CA ILE D 35 32.48 10.64 15.67
C ILE D 35 32.19 10.85 14.17
N ALA D 36 33.18 10.65 13.33
CA ALA D 36 32.94 10.73 11.88
C ALA D 36 31.97 9.61 11.46
N GLY D 37 30.92 9.99 10.73
CA GLY D 37 29.91 9.03 10.32
C GLY D 37 28.74 8.90 11.30
N THR D 38 28.49 9.96 12.08
CA THR D 38 27.28 10.07 12.93
C THR D 38 26.01 10.09 12.06
N THR D 39 25.93 11.08 11.19
CA THR D 39 24.83 11.18 10.22
C THR D 39 25.06 10.17 9.07
N ARG D 40 24.02 9.37 8.78
CA ARG D 40 23.98 8.51 7.59
C ARG D 40 22.71 8.80 6.77
N ASP D 41 21.53 8.67 7.40
CA ASP D 41 20.26 9.10 6.74
C ASP D 41 20.32 10.58 6.42
N VAL D 42 19.71 10.92 5.29
CA VAL D 42 19.44 12.30 4.95
C VAL D 42 18.41 12.87 5.94
N LEU D 43 18.68 14.06 6.45
CA LEU D 43 17.76 14.72 7.38
C LEU D 43 17.30 16.06 6.80
N ARG D 44 16.00 16.33 6.84
CA ARG D 44 15.49 17.55 6.21
C ARG D 44 14.71 18.36 7.23
N GLU D 45 14.90 19.67 7.23
CA GLU D 45 14.11 20.57 8.09
C GLU D 45 13.52 21.66 7.22
N HIS D 46 12.22 21.90 7.40
CA HIS D 46 11.52 22.95 6.65
C HIS D 46 11.51 24.20 7.53
N ILE D 47 12.12 25.29 7.08
CA ILE D 47 12.27 26.48 7.92
C ILE D 47 11.77 27.74 7.20
N HIS D 48 11.79 28.87 7.91
CA HIS D 48 11.43 30.18 7.32
C HIS D 48 12.47 31.22 7.69
N ILE D 49 12.78 32.09 6.74
CA ILE D 49 13.64 33.25 6.94
C ILE D 49 12.87 34.46 6.38
N ASP D 50 12.70 35.51 7.20
CA ASP D 50 11.85 36.65 6.82
C ASP D 50 10.47 36.26 6.25
N GLY D 51 9.91 35.15 6.74
CA GLY D 51 8.61 34.67 6.28
C GLY D 51 8.60 33.75 5.05
N MSE D 52 9.73 33.68 4.34
CA MSE D 52 9.90 32.81 3.17
C MSE D 52 10.36 31.40 3.55
O MSE D 52 11.40 31.24 4.19
CB MSE D 52 10.93 33.38 2.20
CG MSE D 52 10.37 34.08 1.02
SE MSE D 52 11.58 34.06 -0.49
CE MSE D 52 10.44 35.30 -1.65
N PRO D 53 9.58 30.37 3.16
CA PRO D 53 9.96 28.97 3.39
C PRO D 53 11.16 28.51 2.54
N LEU D 54 11.92 27.56 3.10
CA LEU D 54 12.95 26.81 2.38
C LEU D 54 13.23 25.54 3.15
N HIS D 55 13.94 24.63 2.50
CA HIS D 55 14.27 23.36 3.09
C HIS D 55 15.77 23.27 3.27
N ILE D 56 16.20 22.89 4.47
CA ILE D 56 17.63 22.69 4.76
C ILE D 56 17.82 21.19 4.88
N ILE D 57 18.82 20.66 4.18
CA ILE D 57 19.00 19.20 4.06
C ILE D 57 20.40 18.84 4.54
N ASP D 58 20.48 18.02 5.59
CA ASP D 58 21.75 17.54 6.16
C ASP D 58 22.10 16.17 5.56
N THR D 59 23.38 15.91 5.32
CA THR D 59 23.81 14.71 4.62
C THR D 59 25.03 14.10 5.32
N ALA D 60 25.29 12.82 5.04
CA ALA D 60 26.50 12.14 5.57
C ALA D 60 27.76 12.77 4.99
N GLY D 61 28.78 12.98 5.82
CA GLY D 61 30.05 13.52 5.34
C GLY D 61 30.65 12.61 4.29
N LEU D 62 31.23 13.24 3.26
CA LEU D 62 31.76 12.55 2.11
C LEU D 62 33.15 11.95 2.36
N ARG D 63 33.26 10.65 2.10
CA ARG D 63 34.52 9.88 2.24
C ARG D 63 34.34 8.48 1.66
N GLU D 64 35.43 7.73 1.57
CA GLU D 64 35.36 6.35 1.13
C GLU D 64 35.17 5.50 2.40
N ALA D 65 33.91 5.25 2.74
CA ALA D 65 33.58 4.59 4.01
C ALA D 65 33.54 3.06 3.89
N SER D 66 33.89 2.37 4.98
CA SER D 66 33.80 0.92 5.09
C SER D 66 32.42 0.43 5.55
N ASP D 67 31.79 1.24 6.39
CA ASP D 67 30.57 0.83 7.11
C ASP D 67 29.41 0.76 6.14
N GLU D 68 28.66 -0.35 6.12
CA GLU D 68 27.58 -0.55 5.14
C GLU D 68 26.57 0.60 5.08
N VAL D 69 26.03 0.96 6.23
CA VAL D 69 25.01 2.01 6.28
C VAL D 69 25.60 3.38 5.93
N GLU D 70 26.84 3.66 6.40
CA GLU D 70 27.46 4.93 6.04
C GLU D 70 27.66 5.04 4.52
N ARG D 71 28.11 3.96 3.88
CA ARG D 71 28.29 3.95 2.43
C ARG D 71 26.99 4.34 1.72
N ILE D 72 25.88 3.75 2.17
CA ILE D 72 24.55 4.10 1.61
C ILE D 72 24.24 5.59 1.83
N GLY D 73 24.41 6.07 3.07
CA GLY D 73 24.24 7.49 3.38
C GLY D 73 25.00 8.41 2.45
N ILE D 74 26.26 8.03 2.14
CA ILE D 74 27.11 8.85 1.30
C ILE D 74 26.61 8.90 -0.16
N GLU D 75 26.13 7.77 -0.67
CA GLU D 75 25.52 7.75 -2.01
C GLU D 75 24.29 8.69 -2.03
N ARG D 76 23.51 8.66 -0.95
CA ARG D 76 22.30 9.50 -0.87
C ARG D 76 22.67 10.97 -0.74
N ALA D 77 23.78 11.26 -0.05
CA ALA D 77 24.33 12.60 0.06
C ALA D 77 24.62 13.13 -1.34
N TRP D 78 25.33 12.34 -2.14
CA TRP D 78 25.62 12.75 -3.51
C TRP D 78 24.36 13.01 -4.35
N GLN D 79 23.34 12.18 -4.16
CA GLN D 79 22.07 12.36 -4.89
C GLN D 79 21.40 13.67 -4.50
N GLU D 80 21.45 13.99 -3.21
CA GLU D 80 20.94 15.29 -2.72
C GLU D 80 21.71 16.48 -3.32
N ILE D 81 23.03 16.33 -3.37
CA ILE D 81 23.88 17.39 -3.90
C ILE D 81 23.55 17.64 -5.37
N GLU D 82 23.45 16.55 -6.14
CA GLU D 82 23.15 16.63 -7.58
C GLU D 82 21.80 17.33 -7.84
N GLN D 83 20.86 17.17 -6.91
CA GLN D 83 19.51 17.76 -7.04
C GLN D 83 19.26 19.05 -6.26
N ALA D 84 20.29 19.57 -5.61
CA ALA D 84 20.18 20.79 -4.80
C ALA D 84 19.87 22.06 -5.63
N ASP D 85 19.24 23.04 -5.00
CA ASP D 85 19.16 24.41 -5.57
C ASP D 85 20.37 25.25 -5.17
N ARG D 86 20.91 24.97 -3.99
CA ARG D 86 22.10 25.66 -3.48
C ARG D 86 22.83 24.63 -2.63
N VAL D 87 24.15 24.56 -2.76
CA VAL D 87 24.98 23.72 -1.85
C VAL D 87 25.73 24.63 -0.89
N LEU D 88 25.67 24.34 0.41
CA LEU D 88 26.56 24.99 1.36
C LEU D 88 27.67 24.00 1.59
N PHE D 89 28.88 24.30 1.07
CA PHE D 89 30.00 23.37 1.20
C PHE D 89 30.74 23.77 2.46
N MSE D 90 30.64 22.90 3.46
CA MSE D 90 31.13 23.19 4.82
C MSE D 90 32.53 22.69 5.02
O MSE D 90 32.82 21.55 4.68
CB MSE D 90 30.21 22.50 5.83
CG MSE D 90 28.96 23.28 6.13
SE MSE D 90 29.35 24.47 7.60
CE MSE D 90 29.70 23.05 8.92
N VAL D 91 33.39 23.55 5.57
CA VAL D 91 34.78 23.22 5.86
C VAL D 91 35.10 23.49 7.33
N ASP D 92 35.79 22.53 7.95
CA ASP D 92 36.28 22.74 9.30
C ASP D 92 37.43 23.74 9.17
N GLY D 93 37.23 24.95 9.66
CA GLY D 93 38.20 26.05 9.53
C GLY D 93 39.58 25.76 10.12
N THR D 94 39.66 24.73 10.97
CA THR D 94 40.93 24.32 11.59
C THR D 94 41.79 23.37 10.72
N THR D 95 41.28 22.99 9.55
CA THR D 95 41.92 21.98 8.73
C THR D 95 42.64 22.59 7.53
N THR D 96 42.25 23.82 7.20
CA THR D 96 42.88 24.63 6.16
C THR D 96 42.50 26.10 6.32
N ASP D 97 43.34 26.97 5.75
CA ASP D 97 43.12 28.42 5.73
C ASP D 97 42.42 28.85 4.44
N ALA D 98 42.30 27.90 3.50
CA ALA D 98 41.87 28.18 2.13
C ALA D 98 40.40 28.61 2.00
N VAL D 99 40.12 29.34 0.91
CA VAL D 99 38.85 30.00 0.70
C VAL D 99 38.12 29.48 -0.55
N ASP D 100 38.90 29.18 -1.59
CA ASP D 100 38.35 28.69 -2.87
C ASP D 100 38.04 27.19 -2.86
N PRO D 101 36.85 26.81 -3.34
CA PRO D 101 36.37 25.43 -3.21
C PRO D 101 37.23 24.44 -4.02
N ALA D 102 37.68 24.87 -5.20
CA ALA D 102 38.58 24.06 -6.02
C ALA D 102 39.85 23.67 -5.25
N GLU D 103 40.29 24.57 -4.35
CA GLU D 103 41.46 24.30 -3.50
C GLU D 103 41.13 23.32 -2.35
N ILE D 104 40.01 23.55 -1.67
CA ILE D 104 39.62 22.78 -0.48
C ILE D 104 39.27 21.30 -0.75
N TRP D 105 38.71 21.03 -1.91
CA TRP D 105 38.30 19.68 -2.33
C TRP D 105 38.32 19.56 -3.84
N PRO D 106 39.53 19.43 -4.43
CA PRO D 106 39.65 19.27 -5.89
C PRO D 106 38.85 18.07 -6.42
N GLU D 107 38.88 16.98 -5.68
CA GLU D 107 38.17 15.74 -6.01
C GLU D 107 36.64 15.89 -6.04
N PHE D 108 36.08 16.59 -5.06
CA PHE D 108 34.63 16.77 -4.97
C PHE D 108 34.12 17.80 -5.98
N ILE D 109 34.83 18.92 -6.08
CA ILE D 109 34.49 20.01 -7.02
C ILE D 109 34.17 19.53 -8.45
N ALA D 110 35.02 18.63 -8.97
CA ALA D 110 34.89 18.13 -10.34
C ALA D 110 33.58 17.39 -10.58
N ARG D 111 33.12 16.67 -9.56
CA ARG D 111 31.91 15.85 -9.64
C ARG D 111 30.59 16.65 -9.57
N LEU D 112 30.68 17.92 -9.18
CA LEU D 112 29.52 18.80 -9.06
C LEU D 112 29.05 19.30 -10.44
N PRO D 113 27.73 19.42 -10.64
CA PRO D 113 27.22 20.02 -11.88
C PRO D 113 27.64 21.49 -11.99
N ALA D 114 28.03 21.91 -13.19
CA ALA D 114 28.70 23.20 -13.40
C ALA D 114 27.82 24.43 -13.15
N LYS D 115 26.50 24.25 -13.14
CA LYS D 115 25.58 25.37 -12.93
C LYS D 115 25.18 25.55 -11.46
N LEU D 116 25.35 24.49 -10.68
CA LEU D 116 24.95 24.49 -9.26
C LEU D 116 25.63 25.59 -8.44
N PRO D 117 24.84 26.51 -7.85
CA PRO D 117 25.35 27.50 -6.90
C PRO D 117 25.98 26.89 -5.62
N ILE D 118 27.22 27.27 -5.32
CA ILE D 118 27.93 26.83 -4.12
C ILE D 118 28.31 28.01 -3.23
N THR D 119 27.98 27.91 -1.95
CA THR D 119 28.48 28.83 -0.94
C THR D 119 29.46 28.08 -0.02
N VAL D 120 30.71 28.55 0.07
CA VAL D 120 31.66 27.95 1.03
C VAL D 120 31.39 28.51 2.42
N VAL D 121 31.27 27.62 3.41
CA VAL D 121 31.09 27.97 4.79
C VAL D 121 32.30 27.47 5.56
N ARG D 122 33.05 28.41 6.12
CA ARG D 122 34.18 28.13 7.02
C ARG D 122 33.67 28.10 8.44
N ASN D 123 33.54 26.87 8.96
CA ASN D 123 32.96 26.63 10.27
C ASN D 123 34.05 26.60 11.34
N LYS D 124 33.62 26.68 12.60
CA LYS D 124 34.50 26.54 13.78
C LYS D 124 35.38 27.78 13.95
N ALA D 125 34.81 28.94 13.60
CA ALA D 125 35.49 30.22 13.72
C ALA D 125 35.71 30.59 15.19
N ASP D 126 34.92 30.00 16.07
CA ASP D 126 35.13 30.13 17.51
C ASP D 126 36.55 29.71 17.93
N ILE D 127 37.14 28.75 17.23
CA ILE D 127 38.47 28.26 17.61
C ILE D 127 39.57 28.95 16.80
N THR D 128 39.30 29.22 15.53
CA THR D 128 40.25 29.91 14.66
C THR D 128 40.37 31.41 15.00
N GLY D 129 39.34 31.98 15.62
CA GLY D 129 39.29 33.41 15.93
C GLY D 129 39.08 34.34 14.74
N GLU D 130 38.82 33.75 13.56
CA GLU D 130 38.53 34.49 12.33
C GLU D 130 37.37 35.43 12.48
N THR D 131 37.42 36.56 11.76
CA THR D 131 36.34 37.52 11.79
C THR D 131 35.10 36.93 11.10
N LEU D 132 33.98 36.99 11.80
CA LEU D 132 32.71 36.45 11.32
C LEU D 132 32.11 37.30 10.20
N GLY D 133 31.38 36.64 9.30
CA GLY D 133 30.63 37.35 8.26
C GLY D 133 30.83 36.84 6.86
N MSE D 134 30.30 37.60 5.90
CA MSE D 134 30.37 37.24 4.49
C MSE D 134 31.39 38.04 3.66
O MSE D 134 31.60 39.23 3.89
CB MSE D 134 28.99 37.39 3.86
CG MSE D 134 28.92 36.89 2.42
SE MSE D 134 27.09 36.79 1.79
CE MSE D 134 26.56 38.61 2.16
N SER D 135 31.99 37.34 2.71
CA SER D 135 32.85 37.91 1.67
C SER D 135 32.29 37.41 0.33
N GLU D 136 32.67 38.07 -0.76
CA GLU D 136 32.24 37.66 -2.11
C GLU D 136 33.39 37.72 -3.10
N VAL D 137 33.08 37.49 -4.37
CA VAL D 137 34.03 37.60 -5.51
C VAL D 137 33.34 37.10 -6.80
N ASN D 138 34.11 36.96 -7.88
CA ASN D 138 33.61 36.37 -9.12
C ASN D 138 33.66 34.83 -9.07
N GLY D 139 34.00 34.30 -7.90
CA GLY D 139 34.01 32.86 -7.64
C GLY D 139 32.74 32.48 -6.90
N HIS D 140 32.53 33.11 -5.74
CA HIS D 140 31.25 33.07 -5.01
C HIS D 140 31.30 33.68 -3.60
N ALA D 141 30.24 33.45 -2.83
CA ALA D 141 30.12 33.92 -1.44
C ALA D 141 30.85 32.98 -0.50
N LEU D 142 31.44 33.57 0.55
CA LEU D 142 32.16 32.83 1.57
C LEU D 142 31.66 33.34 2.93
N ILE D 143 31.29 32.43 3.82
CA ILE D 143 30.72 32.82 5.11
C ILE D 143 31.48 32.15 6.25
N ARG D 144 31.89 32.96 7.22
CA ARG D 144 32.64 32.51 8.40
C ARG D 144 31.72 32.50 9.58
N LEU D 145 31.63 31.35 10.26
CA LEU D 145 30.72 31.24 11.40
C LEU D 145 31.14 30.13 12.37
N SER D 146 30.39 30.02 13.46
CA SER D 146 30.48 28.85 14.32
C SER D 146 29.10 28.23 14.50
N ALA D 147 28.90 27.04 13.91
CA ALA D 147 27.65 26.31 14.03
C ALA D 147 27.35 25.94 15.49
N ARG D 148 28.41 25.67 16.25
CA ARG D 148 28.30 25.33 17.68
C ARG D 148 27.74 26.45 18.55
N THR D 149 28.31 27.66 18.46
CA THR D 149 27.84 28.79 19.28
C THR D 149 26.67 29.53 18.64
N GLY D 150 26.54 29.39 17.32
CA GLY D 150 25.48 30.03 16.57
C GLY D 150 25.87 31.42 16.12
N GLU D 151 27.11 31.78 16.42
CA GLU D 151 27.64 33.10 16.09
C GLU D 151 27.93 33.21 14.59
N GLY D 152 27.30 34.20 13.95
CA GLY D 152 27.48 34.40 12.52
C GLY D 152 26.51 33.62 11.65
N VAL D 153 25.58 32.91 12.28
CA VAL D 153 24.59 32.15 11.52
C VAL D 153 23.51 33.07 10.91
N ASP D 154 23.29 34.23 11.51
CA ASP D 154 22.34 35.18 10.92
C ASP D 154 22.74 35.79 9.58
N VAL D 155 24.04 35.96 9.39
CA VAL D 155 24.59 36.40 8.12
C VAL D 155 24.30 35.33 7.06
N LEU D 156 24.40 34.06 7.47
CA LEU D 156 24.07 32.94 6.56
C LEU D 156 22.60 32.97 6.22
N ARG D 157 21.75 33.18 7.24
CA ARG D 157 20.29 33.33 7.06
C ARG D 157 19.97 34.43 6.07
N ASN D 158 20.66 35.57 6.24
CA ASN D 158 20.43 36.72 5.35
C ASN D 158 20.84 36.41 3.90
N HIS D 159 21.97 35.72 3.74
CA HIS D 159 22.45 35.29 2.43
C HIS D 159 21.47 34.32 1.74
N LEU D 160 20.89 33.41 2.53
CA LEU D 160 19.93 32.45 1.97
C LEU D 160 18.66 33.17 1.50
N LYS D 161 18.13 34.06 2.34
CA LYS D 161 16.98 34.92 2.00
C LYS D 161 17.26 35.78 0.76
N GLN D 162 18.38 36.51 0.77
CA GLN D 162 18.80 37.30 -0.41
C GLN D 162 18.87 36.47 -1.70
N SER D 163 19.38 35.26 -1.60
CA SER D 163 19.59 34.42 -2.77
C SER D 163 18.27 33.91 -3.35
N MSE D 164 17.22 33.90 -2.53
CA MSE D 164 15.88 33.51 -3.00
C MSE D 164 15.18 34.66 -3.73
O MSE D 164 14.26 34.45 -4.52
CB MSE D 164 15.02 33.01 -1.83
CG MSE D 164 15.22 31.52 -1.53
SE MSE D 164 14.06 30.89 -0.13
CE MSE D 164 14.64 31.99 1.34
N GLY D 165 15.64 35.87 -3.48
CA GLY D 165 15.08 37.02 -4.19
C GLY D 165 13.69 37.38 -3.73
N PHE D 166 12.96 38.05 -4.62
CA PHE D 166 11.76 38.75 -4.21
C PHE D 166 10.48 38.01 -4.64
N ASP D 167 10.56 37.21 -5.71
CA ASP D 167 9.33 36.62 -6.30
C ASP D 167 8.58 35.69 -5.35
N THR D 168 7.24 35.87 -5.31
CA THR D 168 6.37 35.06 -4.47
C THR D 168 5.37 34.19 -5.26
N ASN D 169 5.45 34.16 -6.59
CA ASN D 169 4.44 33.43 -7.35
C ASN D 169 4.81 31.99 -7.76
N MSE D 170 5.94 31.49 -7.24
CA MSE D 170 6.32 30.08 -7.41
C MSE D 170 6.68 29.50 -6.04
O MSE D 170 7.54 30.01 -5.33
CB MSE D 170 7.45 29.90 -8.44
CG MSE D 170 7.13 30.52 -9.75
SE MSE D 170 8.49 30.01 -11.02
CE MSE D 170 7.66 28.32 -11.64
N GLU D 171 5.93 28.44 -5.74
CA GLU D 171 5.87 27.65 -4.51
C GLU D 171 4.56 27.68 -3.68
N GLY D 172 4.42 28.58 -2.72
CA GLY D 172 3.24 28.54 -1.81
C GLY D 172 2.43 29.74 -2.05
AL ALF E . -4.53 -10.48 -7.57
F1 ALF E . -3.95 -11.26 -9.09
F2 ALF E . -5.07 -9.82 -5.98
F3 ALF E . -6.18 -10.31 -8.26
F4 ALF E . -2.94 -10.69 -6.81
MG MG F . -7.39 -9.08 -9.09
K K G . -4.33 -7.38 -5.57
SE SE H . -23.10 -12.32 -21.12
PB GDP I . -4.42 -7.85 -9.46
O1B GDP I . -3.48 -8.22 -10.60
O2B GDP I . -4.08 -8.68 -8.24
O3B GDP I . -5.87 -7.99 -9.75
O3A GDP I . -4.08 -6.32 -9.15
PA GDP I . -5.07 -5.21 -8.54
O1A GDP I . -5.95 -4.68 -9.65
O2A GDP I . -5.76 -5.73 -7.30
O5' GDP I . -4.02 -4.05 -8.20
C5' GDP I . -2.94 -4.23 -7.25
C4' GDP I . -2.32 -2.93 -6.75
O4' GDP I . -1.77 -2.24 -7.90
C3' GDP I . -3.38 -2.02 -6.17
O3' GDP I . -2.83 -1.27 -5.09
C2' GDP I . -3.70 -1.09 -7.33
O2' GDP I . -4.26 0.15 -6.94
C1' GDP I . -2.35 -0.95 -8.01
N9 GDP I . -2.48 -0.66 -9.43
C8 GDP I . -3.11 -1.36 -10.39
N7 GDP I . -2.97 -0.74 -11.61
C5 GDP I . -2.17 0.33 -11.41
C6 GDP I . -1.62 1.39 -12.26
O6 GDP I . -1.85 1.40 -13.50
N1 GDP I . -0.83 2.31 -11.68
C2 GDP I . -0.56 2.31 -10.36
N2 GDP I . 0.21 3.31 -9.84
N3 GDP I . -1.03 1.34 -9.50
C4 GDP I . -1.83 0.38 -9.99
AL ALF J . -18.51 -18.05 2.20
F1 ALF J . -18.88 -17.76 0.53
F2 ALF J . -18.10 -18.30 3.89
F3 ALF J . -19.95 -17.07 2.64
F4 ALF J . -17.04 -19.01 1.79
MG MG K . -19.40 -18.63 -0.97
K K L . -17.25 -21.42 2.26
PB GDP M . -20.77 -20.21 1.41
O1B GDP M . -22.06 -19.84 2.12
O2B GDP M . -19.61 -19.71 2.20
O3B GDP M . -20.80 -19.75 -0.02
O3A GDP M . -20.72 -21.81 1.56
PA GDP M . -20.18 -22.88 0.45
O1A GDP M . -21.12 -22.76 -0.68
O2A GDP M . -18.72 -22.54 0.25
O5' GDP M . -20.34 -24.21 1.34
C5' GDP M . -19.66 -24.39 2.57
C4' GDP M . -19.48 -25.84 2.98
O4' GDP M . -20.77 -26.41 3.20
C3' GDP M . -18.80 -26.65 1.88
O3' GDP M . -17.93 -27.58 2.52
C2' GDP M . -19.96 -27.30 1.16
O2' GDP M . -19.60 -28.54 0.52
C1' GDP M . -20.98 -27.48 2.29
N9 GDP M . -22.36 -27.50 1.79
C8 GDP M . -23.05 -26.57 1.09
N7 GDP M . -24.32 -26.97 0.84
C5 GDP M . -24.45 -28.19 1.40
C6 GDP M . -25.53 -29.19 1.54
O6 GDP M . -26.62 -28.97 1.03
N1 GDP M . -25.26 -30.31 2.22
C2 GDP M . -24.08 -30.57 2.79
N2 GDP M . -23.89 -31.73 3.44
N3 GDP M . -23.02 -29.70 2.72
C4 GDP M . -23.17 -28.53 2.04
AL ALF N . 16.62 -0.37 13.12
F1 ALF N . 16.01 1.09 12.29
F2 ALF N . 17.31 -1.82 13.91
F3 ALF N . 15.37 -0.19 14.38
F4 ALF N . 17.96 -0.37 11.95
MG MG O . 14.99 1.85 10.84
K K P . 17.61 -2.34 10.29
SE SE Q . -3.46 23.21 9.59
PB GDP R . 14.05 -1.16 11.37
O1B GDP R . 13.87 0.22 10.69
O2B GDP R . 12.90 -1.60 12.28
O3B GDP R . 15.40 -1.41 12.05
O3A GDP R . 13.92 -2.27 10.22
PA GDP R . 14.15 -2.13 8.62
O1A GDP R . 12.99 -1.33 8.02
O2A GDP R . 15.52 -1.54 8.40
O5' GDP R . 14.12 -3.60 7.98
C5' GDP R . 14.84 -4.68 8.70
C4' GDP R . 14.99 -5.89 7.79
O4' GDP R . 13.69 -6.47 7.72
C3' GDP R . 15.39 -5.47 6.38
O3' GDP R . 16.14 -6.52 5.75
C2' GDP R . 14.03 -5.34 5.70
O2' GDP R . 14.03 -5.49 4.27
C1' GDP R . 13.25 -6.45 6.38
N9 GDP R . 11.80 -6.24 6.32
C8 GDP R . 11.10 -5.15 6.71
N7 GDP R . 9.78 -5.38 6.48
C5 GDP R . 9.62 -6.63 5.99
C6 GDP R . 8.50 -7.49 5.56
O6 GDP R . 7.31 -7.06 5.61
N1 GDP R . 8.76 -8.75 5.10
C2 GDP R . 10.03 -9.22 5.01
N2 GDP R . 10.29 -10.49 4.54
N3 GDP R . 11.11 -8.47 5.41
C4 GDP R . 10.97 -7.21 5.89
AL ALF S . 29.23 13.40 9.99
F1 ALF S . 29.43 14.08 8.35
F2 ALF S . 28.98 12.56 11.54
F3 ALF S . 27.48 13.81 10.00
F4 ALF S . 30.91 12.80 9.90
MG MG T . 26.11 15.02 10.74
K K U . 30.14 13.85 13.42
SE SE V . 6.98 32.07 -1.86
PB GDP W . 29.06 16.47 10.79
O1B GDP W . 29.63 17.27 9.64
O2B GDP W . 29.57 15.03 10.86
O3B GDP W . 27.55 16.51 10.94
O3A GDP W . 29.66 17.20 12.12
PA GDP W . 28.90 17.41 13.52
O1A GDP W . 27.83 18.47 13.44
O2A GDP W . 28.40 16.11 14.10
O5' GDP W . 30.04 18.08 14.50
C5' GDP W . 31.29 17.36 14.53
C4' GDP W . 32.08 17.81 15.76
O4' GDP W . 32.51 19.15 15.50
C3' GDP W . 31.25 17.84 17.02
O3' GDP W . 32.09 17.46 18.13
C2' GDP W . 30.83 19.29 17.11
O2' GDP W . 30.42 19.77 18.41
C1' GDP W . 32.01 20.03 16.52
N9 GDP W . 31.63 21.33 15.95
C8 GDP W . 30.75 21.59 14.96
N7 GDP W . 30.67 22.92 14.72
C5 GDP W . 31.53 23.53 15.56
C6 GDP W . 31.94 24.92 15.83
O6 GDP W . 31.42 25.83 15.13
N1 GDP W . 32.88 25.12 16.79
C2 GDP W . 33.42 24.10 17.51
N2 GDP W . 34.36 24.34 18.48
N3 GDP W . 33.09 22.79 17.29
C4 GDP W . 32.15 22.47 16.37
#